data_4CYG
#
_entry.id   4CYG
#
_cell.length_a   120.093
_cell.length_b   120.093
_cell.length_c   221.900
_cell.angle_alpha   90.00
_cell.angle_beta   90.00
_cell.angle_gamma   90.00
#
_symmetry.space_group_name_H-M   'P 43 21 2'
#
loop_
_entity.id
_entity.type
_entity.pdbx_description
1 polymer PANTETHEINASE
2 branched 2-acetamido-2-deoxy-beta-D-glucopyranose-(1-4)-2-acetamido-2-deoxy-beta-D-glucopyranose
3 non-polymer (2R)-2,4-dihydroxy-N-[(3S)-3-hydroxy-4-phenylbutyl]-3,3-dimethylbutanamide
4 non-polymer 2-acetamido-2-deoxy-beta-D-glucopyranose
5 non-polymer DI(HYDROXYETHYL)ETHER
6 water water
#
_entity_poly.entity_id   1
_entity_poly.type   'polypeptide(L)'
_entity_poly.pdbx_seq_one_letter_code
;ASISARDYKDDDDKQDTFIAAVYEHAAILPNATLTPVSREEALALMNRNLDILEGAITSAADQGAHIIVTPEDAIYGWNF
NRDSLYPYLEDIPDPEVNWIPCNNRNRFGQTPVQERLSCLAKNNSIYVVANIGDKKPCDTSDPQCPPDGRYQYNTDVVFD
SQGKLVARYHKQNLFMGENQFNVPKEPEIVTFNTTFGSFGIFTCFDILFHDPAVTLVKDFHVDTIVFPTAWMNVLPHLSA
VEFHSAWAMGMRVNFLASNIHYPSKKMTGSGIYAPNSSRAFHYDMKTEEGKLLLSQLDSHPSHSAVVNWTSYASSIEALS
SGNKEFKGTVFFDEFTFVKLTGVAGNYTVCQKDLCCHLSYKMSENIPNEVYALGAFDGLHTVEGRYYLQICTLLKCKTTN
LNTCGDSAETASTRFEMFSLSGTFGTQYVFPEVLLSENQLAPGEFQVSTDGRLFSLKPTSGPVLTVTLFGRLYEKDWASN
ASSGLTAQARIIMLIVIAPIVCSLSW
;
_entity_poly.pdbx_strand_id   A,B
#
loop_
_chem_comp.id
_chem_comp.type
_chem_comp.name
_chem_comp.formula
NAG D-saccharide, beta linking 2-acetamido-2-deoxy-beta-D-glucopyranose 'C8 H15 N O6'
PEG non-polymer DI(HYDROXYETHYL)ETHER 'C4 H10 O3'
RRV non-polymer (2R)-2,4-dihydroxy-N-[(3S)-3-hydroxy-4-phenylbutyl]-3,3-dimethylbutanamide 'C16 H25 N O4'
#
# COMPACT_ATOMS: atom_id res chain seq x y z
N LYS A 14 -40.83 15.08 8.16
CA LYS A 14 -40.07 14.43 9.27
C LYS A 14 -40.19 12.88 9.26
N GLN A 15 -39.04 12.21 9.30
CA GLN A 15 -38.96 10.75 9.35
C GLN A 15 -38.04 10.38 10.52
N ASP A 16 -38.29 9.23 11.15
CA ASP A 16 -37.62 8.84 12.41
C ASP A 16 -36.26 8.12 12.23
N THR A 17 -36.07 7.44 11.11
CA THR A 17 -34.79 6.83 10.77
C THR A 17 -34.33 7.24 9.38
N PHE A 18 -33.05 7.00 9.09
CA PHE A 18 -32.52 7.16 7.75
C PHE A 18 -31.38 6.17 7.51
N ILE A 19 -30.97 6.05 6.26
CA ILE A 19 -29.89 5.17 5.85
C ILE A 19 -28.68 6.04 5.50
N ALA A 20 -27.61 5.82 6.26
CA ALA A 20 -26.37 6.55 6.09
C ALA A 20 -25.42 5.72 5.26
N ALA A 21 -24.58 6.39 4.48
CA ALA A 21 -23.54 5.75 3.69
C ALA A 21 -22.24 6.53 3.77
N VAL A 22 -21.14 5.79 3.88
CA VAL A 22 -19.81 6.39 3.79
C VAL A 22 -18.98 5.56 2.83
N TYR A 23 -18.07 6.20 2.12
CA TYR A 23 -17.22 5.53 1.15
C TYR A 23 -15.75 5.77 1.45
N GLU A 24 -15.01 4.67 1.62
CA GLU A 24 -13.56 4.73 1.75
C GLU A 24 -12.95 4.64 0.34
N HIS A 25 -12.18 5.66 -0.04
CA HIS A 25 -11.78 5.87 -1.43
C HIS A 25 -10.28 5.70 -1.66
N ALA A 26 -9.93 4.77 -2.54
CA ALA A 26 -8.56 4.65 -3.04
C ALA A 26 -8.37 5.67 -4.15
N ALA A 27 -7.90 6.85 -3.77
CA ALA A 27 -7.81 7.97 -4.69
C ALA A 27 -6.80 7.78 -5.82
N ILE A 28 -7.11 8.36 -6.99
CA ILE A 28 -6.15 8.53 -8.05
C ILE A 28 -5.38 9.83 -7.79
N LEU A 29 -4.09 9.70 -7.49
CA LEU A 29 -3.26 10.84 -7.13
C LEU A 29 -2.63 11.45 -8.37
N PRO A 30 -2.57 12.80 -8.43
CA PRO A 30 -1.81 13.38 -9.53
C PRO A 30 -0.36 12.96 -9.45
N ASN A 31 0.30 12.91 -10.60
CA ASN A 31 1.70 12.60 -10.64
C ASN A 31 2.54 13.71 -10.04
N ALA A 32 3.73 13.35 -9.56
CA ALA A 32 4.71 14.33 -9.10
C ALA A 32 5.26 15.10 -10.31
N THR A 33 5.05 16.42 -10.33
CA THR A 33 5.64 17.30 -11.35
C THR A 33 6.40 18.45 -10.68
N LEU A 34 7.18 19.18 -11.47
CA LEU A 34 8.00 20.28 -10.94
C LEU A 34 7.29 21.63 -10.97
N THR A 35 6.35 21.82 -11.89
CA THR A 35 5.53 23.05 -11.95
C THR A 35 4.02 22.75 -12.07
N PRO A 36 3.14 23.72 -11.70
CA PRO A 36 1.69 23.50 -11.75
C PRO A 36 1.19 22.97 -13.08
N VAL A 37 0.25 22.03 -13.03
CA VAL A 37 -0.43 21.58 -14.23
C VAL A 37 -1.45 22.64 -14.70
N SER A 38 -1.99 22.45 -15.89
CA SER A 38 -3.02 23.33 -16.41
C SER A 38 -4.36 23.04 -15.76
N ARG A 39 -5.23 24.04 -15.78
CA ARG A 39 -6.62 23.88 -15.35
C ARG A 39 -7.25 22.64 -15.99
N GLU A 40 -7.02 22.49 -17.28
CA GLU A 40 -7.55 21.38 -18.07
C GLU A 40 -7.07 20.01 -17.55
N GLU A 41 -5.78 19.90 -17.22
CA GLU A 41 -5.22 18.64 -16.70
C GLU A 41 -5.76 18.34 -15.31
N ALA A 42 -5.87 19.39 -14.49
CA ALA A 42 -6.38 19.28 -13.13
C ALA A 42 -7.80 18.76 -13.16
N LEU A 43 -8.62 19.33 -14.03
CA LEU A 43 -10.02 18.94 -14.17
C LEU A 43 -10.19 17.50 -14.66
N ALA A 44 -9.30 17.08 -15.56
CA ALA A 44 -9.32 15.71 -16.06
C ALA A 44 -9.00 14.70 -14.96
N LEU A 45 -8.05 15.03 -14.09
CA LEU A 45 -7.73 14.17 -12.96
C LEU A 45 -8.92 14.12 -11.98
N MET A 46 -9.41 15.27 -11.58
CA MET A 46 -10.55 15.34 -10.67
C MET A 46 -11.75 14.55 -11.20
N ASN A 47 -11.99 14.62 -12.51
CA ASN A 47 -13.07 13.86 -13.12
C ASN A 47 -12.84 12.35 -13.12
N ARG A 48 -11.59 11.92 -13.13
CA ARG A 48 -11.30 10.50 -12.98
C ARG A 48 -11.67 10.02 -11.57
N ASN A 49 -11.41 10.83 -10.55
CA ASN A 49 -11.84 10.51 -9.20
C ASN A 49 -13.35 10.57 -9.05
N LEU A 50 -13.97 11.58 -9.64
CA LEU A 50 -15.42 11.70 -9.58
C LEU A 50 -16.12 10.55 -10.28
N ASP A 51 -15.48 9.94 -11.28
CA ASP A 51 -16.02 8.75 -11.94
C ASP A 51 -16.18 7.60 -10.94
N ILE A 52 -15.19 7.44 -10.07
CA ILE A 52 -15.23 6.38 -9.05
C ILE A 52 -16.24 6.72 -7.95
N LEU A 53 -16.26 7.96 -7.50
CA LEU A 53 -17.22 8.37 -6.47
C LEU A 53 -18.65 8.24 -6.98
N GLU A 54 -18.87 8.49 -8.27
CA GLU A 54 -20.18 8.32 -8.88
C GLU A 54 -20.67 6.88 -8.72
N GLY A 55 -19.76 5.91 -8.90
CA GLY A 55 -20.06 4.50 -8.71
C GLY A 55 -20.54 4.20 -7.29
N ALA A 56 -19.90 4.83 -6.30
CA ALA A 56 -20.30 4.67 -4.90
C ALA A 56 -21.64 5.37 -4.62
N ILE A 57 -21.80 6.58 -5.16
CA ILE A 57 -23.03 7.35 -4.96
C ILE A 57 -24.25 6.63 -5.56
N THR A 58 -24.12 6.13 -6.78
CA THR A 58 -25.22 5.42 -7.44
C THR A 58 -25.53 4.10 -6.72
N SER A 59 -24.51 3.36 -6.31
CA SER A 59 -24.72 2.12 -5.58
C SER A 59 -25.46 2.37 -4.25
N ALA A 60 -25.09 3.44 -3.55
CA ALA A 60 -25.74 3.78 -2.29
C ALA A 60 -27.22 4.16 -2.49
N ALA A 61 -27.47 4.98 -3.50
CA ALA A 61 -28.82 5.41 -3.83
C ALA A 61 -29.67 4.21 -4.25
N ASP A 62 -29.07 3.30 -5.00
CA ASP A 62 -29.69 2.01 -5.34
C ASP A 62 -30.01 1.11 -4.16
N GLN A 63 -29.43 1.40 -3.01
CA GLN A 63 -29.80 0.69 -1.78
C GLN A 63 -30.59 1.57 -0.80
N GLY A 64 -31.08 2.71 -1.27
CA GLY A 64 -31.97 3.55 -0.48
C GLY A 64 -31.32 4.52 0.48
N ALA A 65 -30.03 4.80 0.30
CA ALA A 65 -29.34 5.72 1.20
C ALA A 65 -29.90 7.13 1.03
N HIS A 66 -29.99 7.85 2.15
CA HIS A 66 -30.46 9.24 2.17
C HIS A 66 -29.30 10.23 2.09
N ILE A 67 -28.13 9.80 2.53
CA ILE A 67 -26.95 10.65 2.52
C ILE A 67 -25.69 9.80 2.38
N ILE A 68 -24.70 10.32 1.65
CA ILE A 68 -23.42 9.65 1.48
C ILE A 68 -22.28 10.64 1.68
N VAL A 69 -21.25 10.20 2.41
CA VAL A 69 -20.05 11.01 2.66
C VAL A 69 -18.85 10.41 1.94
N THR A 70 -18.04 11.30 1.34
CA THR A 70 -16.82 10.93 0.62
C THR A 70 -15.66 11.66 1.28
N PRO A 71 -14.42 11.22 1.04
CA PRO A 71 -13.33 11.68 1.91
C PRO A 71 -12.71 13.04 1.63
N GLU A 72 -11.93 13.51 2.61
CA GLU A 72 -11.07 14.66 2.46
C GLU A 72 -10.04 14.37 1.36
N ASP A 73 -9.79 15.36 0.50
CA ASP A 73 -8.80 15.26 -0.56
C ASP A 73 -9.08 14.14 -1.57
N ALA A 74 -10.31 13.66 -1.63
CA ALA A 74 -10.63 12.46 -2.44
C ALA A 74 -10.54 12.72 -3.95
N ILE A 75 -10.63 13.99 -4.32
N ILE A 75 -10.65 13.99 -4.33
CA ILE A 75 -10.73 14.38 -5.71
CA ILE A 75 -10.72 14.37 -5.73
C ILE A 75 -9.38 14.82 -6.30
C ILE A 75 -9.35 14.74 -6.31
N TYR A 76 -8.45 15.25 -5.47
CA TYR A 76 -7.13 15.69 -5.93
C TYR A 76 -5.89 15.36 -5.06
N GLY A 77 -6.07 14.64 -3.96
CA GLY A 77 -4.93 14.24 -3.12
C GLY A 77 -4.38 15.34 -2.22
N TRP A 78 -3.17 15.12 -1.71
CA TRP A 78 -2.62 15.93 -0.62
C TRP A 78 -1.19 16.43 -0.85
N ASN A 79 -0.62 16.21 -2.04
CA ASN A 79 0.75 16.64 -2.35
C ASN A 79 0.75 17.96 -3.13
N PHE A 80 0.80 19.08 -2.42
CA PHE A 80 0.66 20.39 -3.03
C PHE A 80 1.48 21.45 -2.31
N ASN A 81 1.86 22.47 -3.06
CA ASN A 81 2.14 23.80 -2.50
C ASN A 81 1.05 24.75 -2.99
N ARG A 82 1.10 26.02 -2.57
CA ARG A 82 0.05 26.98 -2.96
C ARG A 82 -0.19 27.01 -4.47
N ASP A 83 0.89 27.02 -5.25
CA ASP A 83 0.79 27.19 -6.70
C ASP A 83 0.38 25.92 -7.44
N SER A 84 0.89 24.76 -7.01
CA SER A 84 0.51 23.49 -7.65
C SER A 84 -0.94 23.11 -7.35
N LEU A 85 -1.47 23.60 -6.22
CA LEU A 85 -2.89 23.42 -5.92
C LEU A 85 -3.82 24.30 -6.77
N TYR A 86 -3.36 25.52 -7.09
CA TYR A 86 -4.23 26.53 -7.73
C TYR A 86 -5.16 26.04 -8.85
N PRO A 87 -4.63 25.32 -9.85
CA PRO A 87 -5.50 24.93 -10.95
C PRO A 87 -6.65 23.98 -10.60
N TYR A 88 -6.62 23.38 -9.42
CA TYR A 88 -7.67 22.46 -8.97
C TYR A 88 -8.81 23.23 -8.29
N LEU A 89 -8.58 24.50 -7.99
CA LEU A 89 -9.54 25.28 -7.21
C LEU A 89 -10.69 25.86 -8.03
N GLU A 90 -11.82 26.07 -7.36
CA GLU A 90 -12.97 26.79 -7.91
C GLU A 90 -13.44 27.79 -6.87
N ASP A 91 -14.19 28.79 -7.33
CA ASP A 91 -14.78 29.78 -6.43
C ASP A 91 -16.14 29.23 -6.02
N ILE A 92 -16.26 28.89 -4.73
CA ILE A 92 -17.45 28.26 -4.20
C ILE A 92 -18.24 29.32 -3.45
N PRO A 93 -19.49 29.58 -3.89
CA PRO A 93 -20.24 30.64 -3.23
C PRO A 93 -20.82 30.22 -1.89
N ASP A 94 -21.25 31.21 -1.11
CA ASP A 94 -21.98 30.98 0.14
C ASP A 94 -23.33 30.35 -0.23
N PRO A 95 -23.74 29.27 0.46
CA PRO A 95 -25.03 28.63 0.15
C PRO A 95 -26.25 29.55 0.26
N GLU A 96 -26.13 30.68 0.95
CA GLU A 96 -27.22 31.66 1.07
C GLU A 96 -27.68 32.19 -0.30
N VAL A 97 -26.84 32.08 -1.34
CA VAL A 97 -27.20 32.52 -2.70
C VAL A 97 -28.33 31.71 -3.32
N ASN A 98 -28.61 30.53 -2.76
CA ASN A 98 -29.71 29.66 -3.22
C ASN A 98 -29.49 29.21 -4.67
N TRP A 99 -28.60 28.23 -4.85
CA TRP A 99 -28.11 27.82 -6.16
C TRP A 99 -28.08 26.31 -6.32
N ILE A 100 -28.69 25.83 -7.40
CA ILE A 100 -28.58 24.44 -7.85
C ILE A 100 -27.74 24.42 -9.13
N PRO A 101 -26.43 24.14 -9.02
CA PRO A 101 -25.56 24.13 -10.19
C PRO A 101 -26.07 23.30 -11.37
N CYS A 102 -26.67 22.15 -11.12
CA CYS A 102 -27.15 21.29 -12.20
C CYS A 102 -28.22 21.97 -13.07
N ASN A 103 -29.03 22.83 -12.45
CA ASN A 103 -30.16 23.49 -13.14
C ASN A 103 -29.84 24.91 -13.62
N ASN A 104 -28.73 25.48 -13.16
CA ASN A 104 -28.35 26.85 -13.50
C ASN A 104 -26.82 26.94 -13.58
N ARG A 105 -26.27 26.19 -14.52
CA ARG A 105 -24.83 25.96 -14.60
C ARG A 105 -23.95 27.18 -14.89
N ASN A 106 -24.54 28.23 -15.47
CA ASN A 106 -23.79 29.41 -15.91
C ASN A 106 -23.87 30.59 -14.93
N ARG A 107 -24.56 30.43 -13.81
CA ARG A 107 -24.68 31.52 -12.84
C ARG A 107 -23.33 32.05 -12.34
N PHE A 108 -22.41 31.15 -12.06
CA PHE A 108 -21.06 31.51 -11.70
C PHE A 108 -20.21 30.68 -12.67
N GLY A 109 -19.31 31.34 -13.40
CA GLY A 109 -18.52 30.63 -14.41
C GLY A 109 -17.39 29.81 -13.80
N GLN A 110 -16.87 28.88 -14.59
CA GLN A 110 -15.74 28.03 -14.20
C GLN A 110 -16.06 27.26 -12.92
N THR A 111 -17.22 26.59 -12.90
CA THR A 111 -17.55 25.73 -11.77
C THR A 111 -18.00 24.30 -12.10
N PRO A 112 -17.22 23.58 -12.91
CA PRO A 112 -17.63 22.25 -13.38
C PRO A 112 -17.62 21.16 -12.31
N VAL A 113 -16.76 21.26 -11.31
CA VAL A 113 -16.74 20.27 -10.23
C VAL A 113 -18.02 20.40 -9.38
N GLN A 114 -18.35 21.62 -8.99
CA GLN A 114 -19.60 21.88 -8.27
C GLN A 114 -20.81 21.45 -9.09
N GLU A 115 -20.75 21.70 -10.39
CA GLU A 115 -21.83 21.29 -11.27
C GLU A 115 -22.01 19.78 -11.24
N ARG A 116 -20.91 19.04 -11.39
CA ARG A 116 -21.02 17.59 -11.44
C ARG A 116 -21.49 17.00 -10.10
N LEU A 117 -21.04 17.58 -8.99
CA LEU A 117 -21.47 17.12 -7.67
C LEU A 117 -22.96 17.39 -7.47
N SER A 118 -23.42 18.56 -7.90
CA SER A 118 -24.84 18.90 -7.87
C SER A 118 -25.67 17.91 -8.66
N CYS A 119 -25.27 17.62 -9.90
CA CYS A 119 -25.98 16.64 -10.72
C CYS A 119 -25.94 15.21 -10.12
N LEU A 120 -24.84 14.83 -9.47
CA LEU A 120 -24.77 13.51 -8.87
C LEU A 120 -25.79 13.39 -7.74
N ALA A 121 -25.91 14.43 -6.92
CA ALA A 121 -26.85 14.46 -5.84
C ALA A 121 -28.28 14.46 -6.37
N LYS A 122 -28.56 15.34 -7.33
CA LYS A 122 -29.90 15.45 -7.91
C LYS A 122 -30.35 14.19 -8.62
N ASN A 123 -29.52 13.68 -9.53
CA ASN A 123 -29.91 12.54 -10.35
C ASN A 123 -30.10 11.24 -9.56
N ASN A 124 -29.46 11.16 -8.39
CA ASN A 124 -29.60 9.99 -7.53
C ASN A 124 -30.40 10.31 -6.26
N SER A 125 -31.06 11.47 -6.25
CA SER A 125 -31.73 12.03 -5.07
C SER A 125 -31.14 11.52 -3.76
N ILE A 126 -29.96 12.04 -3.47
CA ILE A 126 -29.24 11.68 -2.28
C ILE A 126 -28.39 12.90 -1.90
N TYR A 127 -28.34 13.22 -0.61
CA TYR A 127 -27.43 14.24 -0.11
C TYR A 127 -26.00 13.72 -0.36
N VAL A 128 -25.14 14.60 -0.86
CA VAL A 128 -23.76 14.24 -1.16
C VAL A 128 -22.82 15.19 -0.43
N VAL A 129 -21.90 14.62 0.34
CA VAL A 129 -20.91 15.38 1.10
C VAL A 129 -19.57 15.09 0.46
N ALA A 130 -18.85 16.14 0.09
CA ALA A 130 -17.56 15.97 -0.55
C ALA A 130 -16.61 17.05 -0.14
N ASN A 131 -15.34 16.84 -0.44
CA ASN A 131 -14.27 17.76 -0.08
C ASN A 131 -13.49 18.17 -1.31
N ILE A 132 -13.44 19.47 -1.57
CA ILE A 132 -12.79 20.01 -2.74
C ILE A 132 -12.06 21.29 -2.31
N GLY A 133 -11.63 22.11 -3.27
CA GLY A 133 -10.82 23.29 -2.99
C GLY A 133 -11.46 24.59 -3.43
N ASP A 134 -11.42 25.58 -2.52
CA ASP A 134 -12.01 26.89 -2.75
C ASP A 134 -10.92 27.92 -3.03
N LYS A 135 -11.17 28.82 -3.97
CA LYS A 135 -10.34 30.02 -4.13
C LYS A 135 -11.18 31.27 -3.99
N LYS A 136 -10.64 32.25 -3.29
CA LYS A 136 -11.30 33.54 -3.09
C LYS A 136 -10.32 34.65 -3.47
N PRO A 137 -10.42 35.18 -4.70
CA PRO A 137 -9.57 36.30 -5.14
C PRO A 137 -9.73 37.54 -4.27
N CYS A 138 -8.63 38.24 -4.02
CA CYS A 138 -8.65 39.45 -3.20
C CYS A 138 -7.68 40.51 -3.73
N ASP A 139 -7.81 41.73 -3.21
CA ASP A 139 -6.95 42.88 -3.55
C ASP A 139 -6.07 43.27 -2.37
N THR A 140 -5.13 44.18 -2.62
CA THR A 140 -4.31 44.76 -1.55
C THR A 140 -5.13 45.64 -0.59
N SER A 141 -6.29 46.13 -1.07
CA SER A 141 -7.25 46.83 -0.21
C SER A 141 -7.72 45.96 0.97
N ASP A 142 -7.76 44.65 0.76
CA ASP A 142 -7.92 43.68 1.84
C ASP A 142 -6.55 43.50 2.52
N PRO A 143 -6.41 43.95 3.79
CA PRO A 143 -5.10 43.85 4.45
C PRO A 143 -4.66 42.41 4.74
N GLN A 144 -5.62 41.48 4.74
CA GLN A 144 -5.36 40.07 5.00
C GLN A 144 -4.99 39.28 3.74
N CYS A 145 -5.27 39.85 2.57
CA CYS A 145 -5.03 39.16 1.30
C CYS A 145 -3.59 38.66 1.18
N PRO A 146 -3.39 37.36 0.89
CA PRO A 146 -2.02 36.88 0.75
C PRO A 146 -1.31 37.55 -0.44
N PRO A 147 0.03 37.63 -0.38
CA PRO A 147 0.81 38.30 -1.41
C PRO A 147 0.45 37.84 -2.82
N ASP A 148 0.13 36.56 -2.99
CA ASP A 148 -0.13 36.01 -4.33
C ASP A 148 -1.59 36.17 -4.82
N GLY A 149 -2.41 36.94 -4.11
CA GLY A 149 -3.66 37.44 -4.66
C GLY A 149 -4.95 36.66 -4.42
N ARG A 150 -4.90 35.62 -3.60
CA ARG A 150 -6.12 34.86 -3.28
C ARG A 150 -5.99 34.03 -2.01
N TYR A 151 -7.14 33.77 -1.37
CA TYR A 151 -7.21 32.76 -0.32
C TYR A 151 -7.46 31.39 -0.96
N GLN A 152 -6.87 30.35 -0.37
CA GLN A 152 -7.13 28.97 -0.80
C GLN A 152 -7.58 28.14 0.42
N TYR A 153 -8.72 27.46 0.32
CA TYR A 153 -9.29 26.73 1.46
C TYR A 153 -9.60 25.25 1.18
N ASN A 154 -9.32 24.41 2.16
CA ASN A 154 -9.77 23.01 2.21
C ASN A 154 -11.25 23.04 2.53
N THR A 155 -12.09 22.51 1.65
CA THR A 155 -13.52 22.86 1.71
C THR A 155 -14.49 21.69 1.56
N ASP A 156 -15.31 21.47 2.59
CA ASP A 156 -16.41 20.53 2.47
C ASP A 156 -17.58 21.23 1.81
N VAL A 157 -18.24 20.54 0.89
CA VAL A 157 -19.47 21.03 0.31
C VAL A 157 -20.52 19.95 0.45
N VAL A 158 -21.76 20.36 0.65
CA VAL A 158 -22.89 19.44 0.75
C VAL A 158 -23.95 19.85 -0.26
N PHE A 159 -24.42 18.88 -1.03
CA PHE A 159 -25.50 19.10 -1.97
C PHE A 159 -26.68 18.25 -1.54
N ASP A 160 -27.88 18.83 -1.51
CA ASP A 160 -29.07 18.08 -1.08
C ASP A 160 -29.60 17.23 -2.23
N SER A 161 -30.65 16.46 -1.95
CA SER A 161 -31.21 15.52 -2.93
C SER A 161 -31.85 16.17 -4.19
N GLN A 162 -31.98 17.50 -4.20
CA GLN A 162 -32.40 18.25 -5.39
C GLN A 162 -31.18 18.82 -6.14
N GLY A 163 -29.99 18.68 -5.55
CA GLY A 163 -28.77 19.21 -6.13
C GLY A 163 -28.39 20.60 -5.65
N LYS A 164 -29.11 21.13 -4.67
N LYS A 164 -29.11 21.13 -4.67
CA LYS A 164 -28.86 22.48 -4.15
CA LYS A 164 -28.84 22.47 -4.15
C LYS A 164 -27.65 22.47 -3.21
C LYS A 164 -27.65 22.47 -3.20
N LEU A 165 -26.82 23.50 -3.32
CA LEU A 165 -25.69 23.70 -2.42
C LEU A 165 -26.25 24.16 -1.08
N VAL A 166 -26.08 23.34 -0.03
CA VAL A 166 -26.66 23.65 1.27
C VAL A 166 -25.62 23.87 2.36
N ALA A 167 -24.35 23.55 2.10
CA ALA A 167 -23.30 23.81 3.08
C ALA A 167 -21.92 23.95 2.44
N ARG A 168 -21.13 24.86 2.99
CA ARG A 168 -19.76 25.08 2.58
C ARG A 168 -18.95 25.31 3.86
N TYR A 169 -17.94 24.47 4.11
CA TYR A 169 -17.13 24.60 5.32
C TYR A 169 -15.63 24.62 5.00
N HIS A 170 -14.96 25.73 5.37
CA HIS A 170 -13.52 25.86 5.23
C HIS A 170 -12.81 25.31 6.46
N LYS A 171 -11.91 24.35 6.26
CA LYS A 171 -11.24 23.67 7.37
C LYS A 171 -10.49 24.63 8.28
N GLN A 172 -10.78 24.57 9.58
CA GLN A 172 -10.23 25.49 10.55
C GLN A 172 -8.86 25.07 11.08
N ASN A 173 -8.71 23.79 11.37
CA ASN A 173 -7.50 23.29 12.00
C ASN A 173 -6.65 22.52 11.01
N LEU A 174 -5.76 23.23 10.34
CA LEU A 174 -4.89 22.62 9.34
C LEU A 174 -3.82 21.78 10.02
N PHE A 175 -3.50 20.65 9.42
CA PHE A 175 -2.45 19.79 9.92
C PHE A 175 -1.12 20.24 9.35
N MET A 176 -0.06 20.04 10.13
CA MET A 176 1.31 20.33 9.67
C MET A 176 1.50 19.72 8.26
N GLY A 177 2.08 20.51 7.36
CA GLY A 177 2.24 20.09 5.97
C GLY A 177 1.13 20.55 5.02
N GLU A 178 0.04 21.11 5.54
CA GLU A 178 -1.03 21.67 4.70
C GLU A 178 -0.74 23.16 4.38
N ASN A 179 0.48 23.42 3.95
CA ASN A 179 0.94 24.75 3.54
C ASN A 179 0.21 25.34 2.31
N GLN A 180 -0.47 24.49 1.55
CA GLN A 180 -1.22 24.93 0.38
C GLN A 180 -2.52 25.68 0.70
N PHE A 181 -3.01 25.60 1.94
CA PHE A 181 -4.27 26.21 2.34
C PHE A 181 -4.10 27.37 3.34
N ASN A 182 -5.10 28.25 3.39
CA ASN A 182 -5.20 29.28 4.41
C ASN A 182 -6.13 28.86 5.54
N VAL A 183 -5.95 29.48 6.71
CA VAL A 183 -6.84 29.35 7.84
C VAL A 183 -7.90 30.44 7.71
N PRO A 184 -9.18 30.10 7.87
CA PRO A 184 -10.20 31.16 7.86
C PRO A 184 -10.06 32.16 8.98
N LYS A 185 -10.59 33.36 8.76
CA LYS A 185 -10.49 34.48 9.70
C LYS A 185 -11.02 34.11 11.08
N GLU A 186 -12.23 33.53 11.07
N GLU A 186 -12.24 33.55 11.09
CA GLU A 186 -12.90 33.08 12.27
CA GLU A 186 -12.90 33.10 12.32
C GLU A 186 -13.42 31.66 12.02
C GLU A 186 -13.46 31.70 12.04
N PRO A 187 -13.53 30.83 13.08
CA PRO A 187 -14.08 29.49 12.89
C PRO A 187 -15.50 29.51 12.30
N GLU A 188 -15.70 28.70 11.28
CA GLU A 188 -16.98 28.62 10.58
C GLU A 188 -17.82 27.51 11.19
N ILE A 189 -18.96 27.89 11.75
CA ILE A 189 -19.89 26.95 12.36
C ILE A 189 -20.96 26.64 11.33
N VAL A 190 -20.88 25.46 10.71
CA VAL A 190 -21.71 25.14 9.57
C VAL A 190 -22.63 23.94 9.83
N THR A 191 -23.92 24.18 9.65
CA THR A 191 -24.93 23.16 9.81
C THR A 191 -25.85 23.17 8.61
N PHE A 192 -26.55 22.06 8.41
CA PHE A 192 -27.66 22.01 7.46
C PHE A 192 -28.75 21.12 8.03
N ASN A 193 -30.00 21.51 7.84
N ASN A 193 -30.00 21.52 7.83
CA ASN A 193 -31.15 20.79 8.37
CA ASN A 193 -31.14 20.81 8.37
C ASN A 193 -31.81 19.96 7.30
C ASN A 193 -31.80 19.95 7.30
N THR A 194 -32.32 18.79 7.69
CA THR A 194 -32.95 17.86 6.76
C THR A 194 -34.24 17.33 7.39
N THR A 195 -34.93 16.47 6.66
CA THR A 195 -36.08 15.74 7.22
C THR A 195 -35.65 14.56 8.10
N PHE A 196 -34.36 14.26 8.15
CA PHE A 196 -33.84 13.16 8.97
C PHE A 196 -32.76 13.68 9.91
N GLY A 197 -32.99 14.87 10.46
CA GLY A 197 -32.14 15.43 11.50
C GLY A 197 -31.35 16.66 11.12
N SER A 198 -30.80 17.30 12.15
CA SER A 198 -29.91 18.45 12.01
C SER A 198 -28.45 17.96 11.95
N PHE A 199 -27.72 18.43 10.94
CA PHE A 199 -26.36 17.97 10.67
C PHE A 199 -25.34 19.07 10.89
N GLY A 200 -24.22 18.69 11.51
CA GLY A 200 -23.03 19.53 11.59
C GLY A 200 -21.92 18.94 10.71
N ILE A 201 -20.90 19.74 10.40
CA ILE A 201 -19.81 19.28 9.55
C ILE A 201 -18.45 19.83 9.96
N PHE A 202 -17.43 18.96 9.91
CA PHE A 202 -16.04 19.40 10.07
C PHE A 202 -15.11 18.36 9.44
N THR A 203 -13.81 18.58 9.51
CA THR A 203 -12.85 17.85 8.67
C THR A 203 -11.62 17.36 9.43
N CYS A 204 -11.37 16.06 9.33
CA CYS A 204 -10.16 15.40 9.85
C CYS A 204 -9.66 15.95 11.20
N PHE A 205 -8.52 16.65 11.18
CA PHE A 205 -7.87 17.18 12.38
C PHE A 205 -8.78 18.02 13.28
N ASP A 206 -9.82 18.63 12.70
CA ASP A 206 -10.78 19.41 13.49
C ASP A 206 -11.29 18.63 14.72
N ILE A 207 -11.40 17.31 14.60
CA ILE A 207 -11.97 16.47 15.66
C ILE A 207 -11.22 16.56 16.99
N LEU A 208 -9.96 17.00 16.95
CA LEU A 208 -9.19 17.16 18.18
C LEU A 208 -9.32 18.53 18.85
N PHE A 209 -10.12 19.42 18.27
CA PHE A 209 -10.20 20.79 18.76
C PHE A 209 -11.62 21.24 19.07
N HIS A 210 -11.72 22.36 19.78
CA HIS A 210 -12.99 22.88 20.25
C HIS A 210 -13.82 23.51 19.13
N ASP A 211 -13.17 24.29 18.26
CA ASP A 211 -13.85 25.05 17.22
C ASP A 211 -13.56 24.49 15.83
N PRO A 212 -14.60 24.10 15.09
CA PRO A 212 -16.03 24.17 15.37
C PRO A 212 -16.64 22.94 16.05
N ALA A 213 -15.87 21.86 16.22
CA ALA A 213 -16.45 20.54 16.54
C ALA A 213 -17.33 20.50 17.81
N VAL A 214 -16.81 21.03 18.92
CA VAL A 214 -17.54 20.98 20.18
C VAL A 214 -18.73 21.94 20.13
N THR A 215 -18.54 23.10 19.54
CA THR A 215 -19.57 24.12 19.45
C THR A 215 -20.80 23.61 18.70
N LEU A 216 -20.59 22.86 17.64
CA LEU A 216 -21.68 22.28 16.88
C LEU A 216 -22.60 21.43 17.75
N VAL A 217 -22.00 20.67 18.67
CA VAL A 217 -22.78 19.81 19.57
C VAL A 217 -23.38 20.60 20.71
N LYS A 218 -22.55 21.40 21.36
CA LYS A 218 -22.89 22.04 22.63
C LYS A 218 -23.85 23.22 22.41
N ASP A 219 -23.59 24.03 21.39
CA ASP A 219 -24.39 25.23 21.15
C ASP A 219 -25.48 25.04 20.09
N PHE A 220 -25.22 24.23 19.07
CA PHE A 220 -26.15 24.05 17.94
C PHE A 220 -26.94 22.74 18.01
N HIS A 221 -26.62 21.87 18.96
CA HIS A 221 -27.43 20.67 19.22
C HIS A 221 -27.66 19.78 18.00
N VAL A 222 -26.65 19.63 17.16
CA VAL A 222 -26.77 18.77 15.99
C VAL A 222 -27.00 17.31 16.39
N ASP A 223 -27.73 16.59 15.56
CA ASP A 223 -27.99 15.17 15.76
C ASP A 223 -26.85 14.31 15.21
N THR A 224 -26.26 14.74 14.10
CA THR A 224 -25.32 13.93 13.33
C THR A 224 -24.19 14.79 12.79
N ILE A 225 -22.99 14.22 12.78
CA ILE A 225 -21.83 14.85 12.15
C ILE A 225 -21.46 14.05 10.91
N VAL A 226 -21.21 14.78 9.81
CA VAL A 226 -20.61 14.21 8.60
C VAL A 226 -19.15 14.63 8.56
N PHE A 227 -18.26 13.69 8.25
CA PHE A 227 -16.83 13.84 8.56
C PHE A 227 -15.94 13.25 7.47
N PRO A 228 -15.65 14.06 6.44
CA PRO A 228 -14.63 13.68 5.48
C PRO A 228 -13.28 13.74 6.16
N THR A 229 -12.44 12.74 5.92
CA THR A 229 -11.14 12.72 6.56
C THR A 229 -10.07 12.03 5.71
N ALA A 230 -8.83 12.40 5.96
CA ALA A 230 -7.67 11.72 5.38
C ALA A 230 -6.68 11.50 6.51
N TRP A 231 -7.03 10.57 7.39
CA TRP A 231 -6.42 10.41 8.69
C TRP A 231 -5.27 9.40 8.60
N MET A 232 -4.13 9.73 9.20
CA MET A 232 -3.02 8.79 9.33
C MET A 232 -3.06 8.16 10.71
N ASN A 233 -3.30 6.86 10.75
CA ASN A 233 -3.46 6.14 12.02
C ASN A 233 -2.21 6.16 12.90
N VAL A 234 -2.38 6.56 14.16
CA VAL A 234 -1.33 6.47 15.17
C VAL A 234 -1.85 5.73 16.40
N LEU A 235 -1.42 4.48 16.57
CA LEU A 235 -1.73 3.69 17.77
C LEU A 235 -0.91 4.20 18.96
N PRO A 236 -1.37 3.95 20.20
CA PRO A 236 -2.52 3.14 20.61
C PRO A 236 -3.87 3.85 20.70
N HIS A 237 -3.89 5.18 20.59
CA HIS A 237 -5.12 5.94 20.87
C HIS A 237 -5.75 6.68 19.69
N LEU A 238 -5.02 6.83 18.59
CA LEU A 238 -5.47 7.67 17.49
C LEU A 238 -5.49 6.94 16.15
N SER A 239 -5.99 5.71 16.18
CA SER A 239 -6.43 5.04 14.97
C SER A 239 -7.82 5.57 14.66
N ALA A 240 -8.13 5.72 13.38
CA ALA A 240 -9.34 6.42 12.94
C ALA A 240 -10.63 5.81 13.48
N VAL A 241 -10.88 4.55 13.20
CA VAL A 241 -12.13 3.93 13.65
C VAL A 241 -12.27 3.97 15.18
N GLU A 242 -11.12 3.86 15.85
CA GLU A 242 -11.05 3.90 17.30
C GLU A 242 -11.46 5.26 17.85
N PHE A 243 -10.73 6.31 17.47
CA PHE A 243 -10.97 7.63 18.04
C PHE A 243 -12.28 8.27 17.55
N HIS A 244 -12.62 8.06 16.29
CA HIS A 244 -13.83 8.66 15.72
C HIS A 244 -15.09 8.10 16.35
N SER A 245 -15.15 6.77 16.49
CA SER A 245 -16.29 6.14 17.16
C SER A 245 -16.40 6.54 18.63
N ALA A 246 -15.25 6.78 19.28
CA ALA A 246 -15.22 7.20 20.69
C ALA A 246 -15.72 8.62 20.86
N TRP A 247 -15.37 9.49 19.91
CA TRP A 247 -15.79 10.89 19.94
C TRP A 247 -17.31 10.95 19.82
N ALA A 248 -17.85 10.17 18.90
CA ALA A 248 -19.29 10.07 18.72
C ALA A 248 -19.99 9.65 20.02
N MET A 249 -19.44 8.65 20.71
CA MET A 249 -20.02 8.14 21.96
C MET A 249 -19.92 9.18 23.07
N GLY A 250 -18.77 9.81 23.17
CA GLY A 250 -18.56 10.86 24.16
C GLY A 250 -19.41 12.09 23.94
N MET A 251 -19.62 12.49 22.69
CA MET A 251 -20.41 13.68 22.35
C MET A 251 -21.88 13.35 22.10
N ARG A 252 -22.21 12.07 22.05
CA ARG A 252 -23.58 11.58 21.90
C ARG A 252 -24.26 12.04 20.62
N VAL A 253 -23.56 11.82 19.50
CA VAL A 253 -24.08 12.13 18.17
C VAL A 253 -23.83 10.97 17.23
N ASN A 254 -24.63 10.90 16.17
CA ASN A 254 -24.31 10.04 15.03
C ASN A 254 -23.09 10.64 14.36
N PHE A 255 -22.30 9.81 13.70
CA PHE A 255 -21.03 10.24 13.14
C PHE A 255 -20.72 9.42 11.90
N LEU A 256 -20.61 10.09 10.75
CA LEU A 256 -20.35 9.43 9.47
C LEU A 256 -18.93 9.77 9.00
N ALA A 257 -18.01 8.82 9.17
CA ALA A 257 -16.59 9.06 8.88
C ALA A 257 -16.20 8.43 7.55
N SER A 258 -15.77 9.26 6.61
CA SER A 258 -15.33 8.82 5.29
C SER A 258 -13.85 9.11 5.10
N ASN A 259 -13.06 8.05 5.00
CA ASN A 259 -11.60 8.16 5.00
C ASN A 259 -10.96 7.77 3.68
N ILE A 260 -9.80 8.35 3.40
CA ILE A 260 -8.96 7.91 2.30
C ILE A 260 -8.44 6.50 2.56
N HIS A 261 -8.36 5.71 1.49
CA HIS A 261 -7.69 4.42 1.53
C HIS A 261 -6.29 4.50 0.91
N TYR A 262 -5.27 4.54 1.76
CA TYR A 262 -3.88 4.60 1.31
C TYR A 262 -2.97 4.02 2.38
N PRO A 263 -2.85 2.68 2.42
CA PRO A 263 -2.05 1.99 3.42
C PRO A 263 -0.61 2.48 3.51
N SER A 264 -0.07 2.95 2.38
CA SER A 264 1.27 3.51 2.33
C SER A 264 1.53 4.59 3.37
N LYS A 265 0.49 5.37 3.71
CA LYS A 265 0.59 6.39 4.77
C LYS A 265 -0.31 6.09 5.97
N LYS A 266 -0.67 4.83 6.16
CA LYS A 266 -1.53 4.38 7.26
C LYS A 266 -2.91 5.06 7.26
N MET A 267 -3.44 5.25 6.06
CA MET A 267 -4.78 5.79 5.87
C MET A 267 -5.76 4.67 5.58
N THR A 268 -6.60 4.35 6.56
CA THR A 268 -7.73 3.44 6.40
C THR A 268 -8.49 3.44 7.72
N GLY A 269 -9.81 3.51 7.63
CA GLY A 269 -10.64 3.56 8.82
C GLY A 269 -11.86 4.42 8.61
N SER A 270 -12.91 3.81 8.05
CA SER A 270 -14.16 4.50 7.81
C SER A 270 -15.26 3.80 8.57
N GLY A 271 -16.32 4.55 8.89
CA GLY A 271 -17.44 3.94 9.58
C GLY A 271 -18.64 4.84 9.80
N ILE A 272 -19.67 4.23 10.37
CA ILE A 272 -20.90 4.90 10.71
C ILE A 272 -21.13 4.58 12.17
N TYR A 273 -21.12 5.61 13.01
CA TYR A 273 -21.13 5.43 14.45
C TYR A 273 -22.34 6.13 15.06
N ALA A 274 -22.95 5.47 16.04
CA ALA A 274 -24.08 6.02 16.79
C ALA A 274 -23.62 6.32 18.21
N PRO A 275 -24.46 7.00 19.01
CA PRO A 275 -24.06 7.29 20.40
C PRO A 275 -23.73 6.07 21.28
N ASN A 276 -24.48 4.97 21.14
CA ASN A 276 -24.30 3.80 21.99
C ASN A 276 -23.26 2.81 21.46
N SER A 277 -22.88 2.94 20.19
CA SER A 277 -22.13 1.89 19.53
C SER A 277 -21.79 2.26 18.09
N SER A 278 -20.69 1.69 17.61
CA SER A 278 -20.40 1.60 16.19
C SER A 278 -21.51 0.80 15.51
N ARG A 279 -21.89 1.20 14.29
CA ARG A 279 -22.87 0.45 13.49
C ARG A 279 -22.23 -0.26 12.31
N ALA A 280 -21.20 0.35 11.74
CA ALA A 280 -20.39 -0.30 10.72
C ALA A 280 -19.01 0.33 10.75
N PHE A 281 -17.98 -0.46 10.46
CA PHE A 281 -16.63 0.07 10.37
C PHE A 281 -15.85 -0.73 9.37
N HIS A 282 -14.80 -0.13 8.83
CA HIS A 282 -13.93 -0.79 7.86
C HIS A 282 -12.48 -0.39 8.09
N TYR A 283 -11.60 -1.39 8.15
CA TYR A 283 -10.18 -1.19 8.33
C TYR A 283 -9.46 -2.19 7.44
N ASP A 284 -8.56 -1.72 6.60
CA ASP A 284 -7.86 -2.60 5.67
C ASP A 284 -6.50 -2.03 5.26
N MET A 285 -5.43 -2.65 5.78
CA MET A 285 -4.06 -2.30 5.40
C MET A 285 -3.50 -3.20 4.31
N LYS A 286 -4.29 -4.17 3.84
CA LYS A 286 -3.78 -5.26 3.00
C LYS A 286 -4.09 -5.16 1.51
N THR A 287 -5.16 -4.45 1.15
CA THR A 287 -5.54 -4.30 -0.27
C THR A 287 -5.54 -2.84 -0.63
N GLU A 288 -5.72 -2.56 -1.92
CA GLU A 288 -5.86 -1.20 -2.41
C GLU A 288 -7.32 -0.93 -2.81
N GLU A 289 -8.24 -1.70 -2.26
CA GLU A 289 -9.67 -1.58 -2.59
C GLU A 289 -10.36 -0.47 -1.78
N GLY A 290 -11.29 0.21 -2.43
CA GLY A 290 -12.23 1.11 -1.74
C GLY A 290 -13.32 0.29 -1.08
N LYS A 291 -14.19 0.95 -0.33
CA LYS A 291 -15.26 0.27 0.39
C LYS A 291 -16.45 1.18 0.69
N LEU A 292 -17.64 0.71 0.33
CA LEU A 292 -18.89 1.40 0.65
C LEU A 292 -19.54 0.72 1.85
N LEU A 293 -19.90 1.51 2.86
CA LEU A 293 -20.61 1.02 4.04
C LEU A 293 -21.98 1.71 4.16
N LEU A 294 -23.00 0.94 4.50
CA LEU A 294 -24.33 1.48 4.78
C LEU A 294 -24.82 1.01 6.14
N SER A 295 -25.67 1.81 6.77
CA SER A 295 -26.34 1.41 7.99
C SER A 295 -27.50 2.36 8.31
N GLN A 296 -28.54 1.81 8.93
CA GLN A 296 -29.63 2.62 9.44
C GLN A 296 -29.17 3.38 10.69
N LEU A 297 -29.72 4.58 10.88
CA LEU A 297 -29.49 5.40 12.05
C LEU A 297 -30.80 6.08 12.46
N ASP A 298 -30.87 6.53 13.71
CA ASP A 298 -32.01 7.32 14.16
C ASP A 298 -31.77 8.78 13.83
N SER A 299 -32.81 9.44 13.33
CA SER A 299 -32.75 10.85 12.97
C SER A 299 -32.43 11.71 14.18
N HIS A 300 -33.07 11.40 15.30
CA HIS A 300 -32.86 12.16 16.54
C HIS A 300 -32.55 11.18 17.65
N PRO A 301 -31.27 10.81 17.79
CA PRO A 301 -30.95 9.86 18.84
C PRO A 301 -31.38 10.33 20.22
N SER A 302 -31.95 9.39 20.99
CA SER A 302 -32.30 9.58 22.39
C SER A 302 -31.06 9.20 23.22
N HIS A 303 -30.87 9.93 24.31
CA HIS A 303 -29.67 9.82 25.12
C HIS A 303 -30.00 9.38 26.54
N SER A 304 -29.04 8.72 27.20
CA SER A 304 -29.13 8.46 28.63
C SER A 304 -28.80 9.74 29.40
N ALA A 305 -28.59 9.63 30.70
CA ALA A 305 -28.21 10.80 31.51
C ALA A 305 -26.78 11.27 31.21
N VAL A 306 -26.50 12.52 31.55
CA VAL A 306 -25.18 13.10 31.31
C VAL A 306 -24.16 12.35 32.15
N VAL A 307 -23.00 12.05 31.57
CA VAL A 307 -21.99 11.30 32.29
C VAL A 307 -21.17 12.30 33.11
N ASN A 308 -21.01 12.00 34.40
CA ASN A 308 -20.06 12.72 35.24
C ASN A 308 -18.79 11.87 35.33
N TRP A 309 -17.75 12.29 34.62
CA TRP A 309 -16.56 11.46 34.41
C TRP A 309 -15.67 11.31 35.66
N THR A 310 -15.81 12.20 36.65
CA THR A 310 -15.03 12.11 37.88
C THR A 310 -15.81 11.54 39.09
N SER A 311 -17.08 11.14 38.88
CA SER A 311 -17.98 10.82 39.99
C SER A 311 -17.58 9.58 40.80
N TYR A 312 -17.56 8.42 40.16
CA TYR A 312 -17.12 7.20 40.83
C TYR A 312 -15.65 7.27 41.24
N ALA A 313 -14.83 7.82 40.36
CA ALA A 313 -13.38 7.84 40.58
C ALA A 313 -12.99 8.64 41.81
N SER A 314 -13.68 9.75 42.06
CA SER A 314 -13.42 10.60 43.21
C SER A 314 -14.04 10.06 44.51
N SER A 315 -14.87 9.02 44.42
CA SER A 315 -15.59 8.50 45.56
C SER A 315 -14.89 7.34 46.27
N ILE A 316 -13.87 6.75 45.65
CA ILE A 316 -13.23 5.57 46.24
C ILE A 316 -11.83 5.86 46.76
N GLU A 317 -11.32 4.91 47.53
CA GLU A 317 -9.94 4.88 47.99
C GLU A 317 -9.10 4.18 46.91
N ALA A 318 -7.83 4.54 46.82
CA ALA A 318 -6.90 3.89 45.89
C ALA A 318 -7.03 2.38 45.95
N LEU A 319 -7.11 1.75 44.78
CA LEU A 319 -7.27 0.30 44.68
C LEU A 319 -5.97 -0.46 44.94
N SER A 320 -4.85 0.25 44.87
CA SER A 320 -3.55 -0.33 45.17
C SER A 320 -2.68 0.74 45.82
N SER A 321 -1.58 0.32 46.42
CA SER A 321 -0.63 1.26 47.02
C SER A 321 0.76 0.63 47.05
N GLY A 322 1.78 1.46 47.24
CA GLY A 322 3.15 1.03 47.06
C GLY A 322 3.36 0.48 45.66
N ASN A 323 2.86 1.21 44.66
CA ASN A 323 3.02 0.83 43.26
C ASN A 323 4.48 0.88 42.87
N LYS A 324 4.91 -0.12 42.10
CA LYS A 324 6.16 -0.01 41.35
C LYS A 324 5.83 0.69 40.02
N GLU A 325 6.16 1.97 39.94
CA GLU A 325 5.80 2.80 38.80
C GLU A 325 6.98 3.07 37.88
N PHE A 326 6.69 3.25 36.60
CA PHE A 326 7.72 3.57 35.62
C PHE A 326 7.19 4.53 34.55
N LYS A 327 8.11 5.22 33.90
CA LYS A 327 7.78 6.15 32.81
C LYS A 327 7.75 5.44 31.46
N GLY A 328 6.79 5.82 30.65
CA GLY A 328 6.61 5.27 29.31
C GLY A 328 6.11 6.35 28.37
N THR A 329 6.48 6.23 27.09
CA THR A 329 6.16 7.23 26.10
C THR A 329 5.04 6.73 25.19
N VAL A 330 3.93 7.50 25.15
CA VAL A 330 2.82 7.24 24.25
C VAL A 330 2.67 8.43 23.34
N PHE A 331 2.96 8.24 22.05
CA PHE A 331 2.83 9.30 21.06
C PHE A 331 3.45 10.60 21.59
N PHE A 332 4.72 10.46 22.01
CA PHE A 332 5.58 11.56 22.49
C PHE A 332 5.27 12.12 23.89
N ASP A 333 4.25 11.59 24.55
CA ASP A 333 3.85 12.08 25.87
C ASP A 333 4.28 11.09 26.96
N GLU A 334 4.84 11.62 28.05
CA GLU A 334 5.38 10.78 29.12
C GLU A 334 4.31 10.38 30.14
N PHE A 335 3.82 9.16 30.01
CA PHE A 335 2.83 8.62 30.94
C PHE A 335 3.50 8.06 32.20
N THR A 336 2.75 8.02 33.31
CA THR A 336 3.14 7.24 34.49
C THR A 336 2.40 5.92 34.45
N PHE A 337 3.16 4.82 34.40
CA PHE A 337 2.61 3.49 34.26
C PHE A 337 2.79 2.63 35.52
N VAL A 338 1.89 1.68 35.69
CA VAL A 338 2.10 0.55 36.59
C VAL A 338 1.77 -0.74 35.82
N LYS A 339 2.61 -1.77 36.01
CA LYS A 339 2.42 -3.03 35.33
C LYS A 339 1.33 -3.87 35.99
N LEU A 340 0.53 -4.55 35.18
CA LEU A 340 -0.47 -5.49 35.69
C LEU A 340 0.17 -6.86 35.95
N THR A 341 0.29 -7.26 37.21
CA THR A 341 1.07 -8.47 37.53
C THR A 341 0.27 -9.77 37.40
N GLY A 342 -0.94 -9.81 37.94
CA GLY A 342 -1.73 -11.05 37.93
C GLY A 342 -2.78 -11.14 36.84
N VAL A 343 -3.32 -12.34 36.66
CA VAL A 343 -4.46 -12.58 35.77
C VAL A 343 -5.71 -11.78 36.17
N ALA A 344 -5.79 -11.40 37.44
CA ALA A 344 -6.84 -10.52 37.95
C ALA A 344 -6.22 -9.49 38.88
N GLY A 345 -6.87 -8.35 39.05
CA GLY A 345 -6.30 -7.30 39.86
C GLY A 345 -7.09 -6.01 39.90
N ASN A 346 -6.60 -5.09 40.72
CA ASN A 346 -7.21 -3.78 40.91
C ASN A 346 -6.06 -2.80 41.14
N TYR A 347 -5.92 -1.81 40.26
CA TYR A 347 -4.81 -0.87 40.37
C TYR A 347 -5.28 0.59 40.29
N THR A 348 -4.52 1.45 40.95
CA THR A 348 -4.69 2.88 40.82
C THR A 348 -3.32 3.48 40.51
N VAL A 349 -3.29 4.43 39.58
CA VAL A 349 -2.05 5.14 39.27
C VAL A 349 -2.38 6.58 38.92
N CYS A 350 -1.51 7.51 39.34
CA CYS A 350 -1.79 8.94 39.21
C CYS A 350 -0.67 9.66 38.53
N GLN A 351 -1.02 10.73 37.82
CA GLN A 351 -0.05 11.73 37.40
C GLN A 351 -0.71 13.09 37.63
N LYS A 352 -0.07 13.92 38.44
CA LYS A 352 -0.59 15.24 38.80
C LYS A 352 -2.05 15.18 39.28
N ASP A 353 -2.97 15.83 38.57
CA ASP A 353 -4.36 15.92 39.03
C ASP A 353 -5.19 14.71 38.66
N LEU A 354 -4.64 13.80 37.87
CA LEU A 354 -5.41 12.67 37.36
C LEU A 354 -5.01 11.36 38.02
N CYS A 355 -5.96 10.72 38.69
CA CYS A 355 -5.79 9.35 39.18
C CYS A 355 -6.68 8.43 38.37
N CYS A 356 -6.13 7.30 37.93
CA CYS A 356 -6.80 6.34 37.07
C CYS A 356 -6.97 5.02 37.81
N HIS A 357 -8.18 4.45 37.76
CA HIS A 357 -8.50 3.20 38.44
C HIS A 357 -8.89 2.11 37.44
N LEU A 358 -8.34 0.91 37.62
CA LEU A 358 -8.71 -0.23 36.79
C LEU A 358 -8.96 -1.48 37.61
N SER A 359 -10.09 -2.13 37.35
CA SER A 359 -10.35 -3.48 37.83
C SER A 359 -10.46 -4.37 36.61
N TYR A 360 -9.85 -5.55 36.66
CA TYR A 360 -9.82 -6.41 35.49
C TYR A 360 -9.73 -7.89 35.83
N LYS A 361 -10.03 -8.71 34.84
CA LYS A 361 -9.77 -10.12 34.89
C LYS A 361 -9.51 -10.61 33.47
N MET A 362 -8.31 -11.10 33.24
CA MET A 362 -7.93 -11.67 31.95
C MET A 362 -8.54 -13.06 31.83
N SER A 363 -8.78 -13.48 30.60
CA SER A 363 -9.33 -14.82 30.33
C SER A 363 -8.24 -15.87 30.52
N GLU A 364 -6.99 -15.44 30.41
CA GLU A 364 -5.84 -16.34 30.36
C GLU A 364 -4.60 -15.46 30.48
N ASN A 365 -3.63 -15.86 31.28
CA ASN A 365 -2.36 -15.14 31.28
C ASN A 365 -1.47 -15.67 30.17
N ILE A 366 -1.22 -14.82 29.17
CA ILE A 366 -0.27 -15.15 28.12
C ILE A 366 1.09 -14.69 28.67
N PRO A 367 2.02 -15.64 28.87
CA PRO A 367 3.25 -15.35 29.64
C PRO A 367 4.17 -14.29 29.03
N ASN A 368 4.27 -14.25 27.71
CA ASN A 368 5.14 -13.27 27.05
C ASN A 368 4.40 -12.00 26.60
N GLU A 369 3.28 -11.69 27.26
CA GLU A 369 2.48 -10.53 26.92
C GLU A 369 2.25 -9.70 28.17
N VAL A 370 2.66 -8.45 28.12
CA VAL A 370 2.58 -7.54 29.25
C VAL A 370 1.57 -6.42 29.00
N TYR A 371 0.72 -6.18 30.00
CA TYR A 371 -0.23 -5.10 29.99
C TYR A 371 0.08 -4.11 31.11
N ALA A 372 -0.19 -2.83 30.87
CA ALA A 372 0.07 -1.78 31.84
C ALA A 372 -1.09 -0.79 31.89
N LEU A 373 -1.22 -0.14 33.04
CA LEU A 373 -2.19 0.92 33.26
C LEU A 373 -1.42 2.22 33.37
N GLY A 374 -1.86 3.24 32.64
CA GLY A 374 -1.13 4.50 32.60
C GLY A 374 -2.00 5.73 32.72
N ALA A 375 -1.39 6.81 33.21
CA ALA A 375 -2.04 8.09 33.40
C ALA A 375 -1.19 9.18 32.79
N PHE A 376 -1.85 10.13 32.12
CA PHE A 376 -1.17 11.32 31.61
C PHE A 376 -2.05 12.54 31.84
N ASP A 377 -1.41 13.63 32.26
CA ASP A 377 -2.07 14.89 32.55
C ASP A 377 -1.10 15.98 32.15
N GLY A 378 -1.22 16.45 30.93
CA GLY A 378 -0.29 17.45 30.43
C GLY A 378 -0.55 17.89 29.02
N LEU A 379 0.33 18.76 28.54
CA LEU A 379 0.20 19.39 27.24
C LEU A 379 0.93 18.59 26.18
N HIS A 380 0.20 18.16 25.15
CA HIS A 380 0.79 17.53 23.97
C HIS A 380 1.27 18.63 23.03
N THR A 381 2.43 18.42 22.42
CA THR A 381 3.05 19.44 21.55
C THR A 381 3.53 18.97 20.16
N VAL A 382 3.72 17.66 19.97
CA VAL A 382 4.28 17.15 18.71
C VAL A 382 3.19 16.93 17.65
N GLU A 383 3.36 17.57 16.50
CA GLU A 383 2.38 17.57 15.40
C GLU A 383 1.08 18.24 15.82
N GLY A 384 1.17 19.19 16.75
CA GLY A 384 -0.02 19.89 17.23
C GLY A 384 -0.01 20.13 18.73
N ARG A 385 -0.78 21.12 19.15
CA ARG A 385 -0.77 21.61 20.52
C ARG A 385 -2.16 21.45 21.16
N TYR A 386 -2.25 20.56 22.14
CA TYR A 386 -3.52 20.33 22.84
C TYR A 386 -3.32 19.63 24.19
N TYR A 387 -4.13 20.03 25.18
CA TYR A 387 -4.00 19.51 26.53
C TYR A 387 -4.82 18.23 26.71
N LEU A 388 -4.18 17.23 27.32
CA LEU A 388 -4.75 15.89 27.45
C LEU A 388 -4.81 15.41 28.90
N GLN A 389 -5.86 14.65 29.20
CA GLN A 389 -5.93 13.81 30.37
C GLN A 389 -6.38 12.45 29.89
N ILE A 390 -5.53 11.43 30.08
CA ILE A 390 -5.80 10.09 29.56
C ILE A 390 -5.54 9.03 30.62
N CYS A 391 -6.50 8.13 30.79
CA CYS A 391 -6.31 6.90 31.53
C CYS A 391 -6.33 5.78 30.52
N THR A 392 -5.31 4.92 30.52
CA THR A 392 -5.25 3.85 29.54
C THR A 392 -4.77 2.53 30.10
N LEU A 393 -5.50 1.48 29.74
CA LEU A 393 -5.04 0.12 29.81
C LEU A 393 -4.54 -0.22 28.42
N LEU A 394 -3.30 -0.70 28.30
CA LEU A 394 -2.80 -1.07 26.99
C LEU A 394 -1.84 -2.24 26.98
N LYS A 395 -1.81 -2.91 25.84
CA LYS A 395 -0.86 -3.96 25.59
C LYS A 395 0.46 -3.32 25.22
N CYS A 396 1.50 -3.67 25.98
CA CYS A 396 2.86 -3.20 25.70
C CYS A 396 3.39 -3.94 24.45
N LYS A 397 4.14 -3.23 23.61
CA LYS A 397 4.58 -3.80 22.33
C LYS A 397 5.38 -5.10 22.51
N THR A 398 6.37 -5.08 23.40
CA THR A 398 7.14 -6.28 23.75
C THR A 398 7.03 -6.55 25.25
N THR A 399 7.84 -7.48 25.75
CA THR A 399 7.93 -7.79 27.17
C THR A 399 8.63 -6.68 27.96
N ASN A 400 9.38 -5.82 27.27
CA ASN A 400 10.08 -4.74 27.94
C ASN A 400 9.19 -3.54 28.25
N LEU A 401 9.27 -3.07 29.49
CA LEU A 401 8.40 -2.00 29.95
C LEU A 401 8.68 -0.68 29.25
N ASN A 402 9.86 -0.53 28.67
CA ASN A 402 10.19 0.64 27.87
C ASN A 402 9.42 0.75 26.55
N THR A 403 8.72 -0.32 26.17
CA THR A 403 7.87 -0.34 24.98
C THR A 403 6.38 -0.17 25.29
N CYS A 404 6.03 0.01 26.56
CA CYS A 404 4.62 0.26 26.92
C CYS A 404 4.26 1.65 26.40
N GLY A 405 3.32 1.69 25.46
CA GLY A 405 2.94 2.94 24.81
C GLY A 405 3.30 2.97 23.34
N ASP A 406 4.22 2.10 22.92
CA ASP A 406 4.58 1.98 21.50
C ASP A 406 3.41 1.38 20.72
N SER A 407 3.42 1.61 19.41
CA SER A 407 2.39 1.10 18.52
C SER A 407 2.38 -0.42 18.49
N ALA A 408 1.24 -1.01 18.87
CA ALA A 408 1.09 -2.47 18.90
C ALA A 408 -0.14 -2.91 18.12
N GLU A 409 0.08 -3.70 17.08
CA GLU A 409 -0.96 -4.05 16.11
C GLU A 409 -1.76 -5.28 16.51
N THR A 410 -1.13 -6.22 17.23
CA THR A 410 -1.76 -7.49 17.56
C THR A 410 -1.58 -7.83 19.02
N ALA A 411 -2.44 -8.73 19.51
CA ALA A 411 -2.34 -9.25 20.85
C ALA A 411 -3.09 -10.55 20.95
N SER A 412 -2.90 -11.28 22.04
CA SER A 412 -3.56 -12.57 22.27
C SER A 412 -4.40 -12.64 23.53
N THR A 413 -4.22 -11.70 24.45
CA THR A 413 -4.91 -11.73 25.72
C THR A 413 -6.34 -11.19 25.59
N ARG A 414 -7.33 -12.05 25.83
CA ARG A 414 -8.72 -11.62 25.96
C ARG A 414 -9.00 -11.26 27.41
N PHE A 415 -10.04 -10.46 27.65
CA PHE A 415 -10.42 -10.07 29.01
C PHE A 415 -11.82 -10.56 29.30
N GLU A 416 -12.01 -11.16 30.48
CA GLU A 416 -13.34 -11.55 30.95
C GLU A 416 -14.09 -10.33 31.45
N MET A 417 -13.37 -9.39 32.07
CA MET A 417 -13.98 -8.18 32.58
C MET A 417 -12.95 -7.06 32.66
N PHE A 418 -13.44 -5.84 32.49
CA PHE A 418 -12.66 -4.66 32.80
C PHE A 418 -13.58 -3.56 33.27
N SER A 419 -13.00 -2.62 34.01
CA SER A 419 -13.69 -1.39 34.40
C SER A 419 -12.63 -0.32 34.60
N LEU A 420 -12.73 0.76 33.82
CA LEU A 420 -11.74 1.84 33.85
C LEU A 420 -12.44 3.14 34.20
N SER A 421 -11.77 3.98 34.98
CA SER A 421 -12.30 5.28 35.36
C SER A 421 -11.17 6.18 35.82
N GLY A 422 -11.43 7.48 35.94
CA GLY A 422 -10.42 8.43 36.39
C GLY A 422 -11.00 9.74 36.90
N THR A 423 -10.19 10.49 37.65
CA THR A 423 -10.63 11.77 38.24
C THR A 423 -10.46 12.91 37.26
N PHE A 424 -11.17 12.84 36.14
CA PHE A 424 -10.99 13.81 35.06
C PHE A 424 -11.44 15.20 35.48
N GLY A 425 -10.63 16.20 35.13
CA GLY A 425 -10.99 17.61 35.31
C GLY A 425 -11.57 18.21 34.03
N THR A 426 -12.34 17.41 33.31
CA THR A 426 -13.05 17.83 32.11
C THR A 426 -14.26 16.92 31.93
N GLN A 427 -15.26 17.40 31.24
CA GLN A 427 -16.44 16.58 30.92
C GLN A 427 -16.38 16.06 29.47
N TYR A 428 -15.32 16.41 28.74
CA TYR A 428 -15.10 15.94 27.37
C TYR A 428 -14.14 14.76 27.36
N VAL A 429 -14.71 13.56 27.48
CA VAL A 429 -13.95 12.33 27.53
C VAL A 429 -14.50 11.35 26.52
N PHE A 430 -13.59 10.72 25.79
CA PHE A 430 -13.96 9.85 24.68
C PHE A 430 -13.52 8.42 24.98
N PRO A 431 -14.49 7.51 25.09
CA PRO A 431 -14.19 6.15 25.53
C PRO A 431 -13.80 5.24 24.37
N GLU A 432 -12.59 4.69 24.44
CA GLU A 432 -12.01 3.90 23.36
C GLU A 432 -11.84 2.45 23.75
N VAL A 433 -12.20 1.55 22.86
CA VAL A 433 -11.90 0.14 23.01
C VAL A 433 -11.44 -0.37 21.66
N LEU A 434 -10.25 -0.97 21.60
CA LEU A 434 -9.73 -1.49 20.36
C LEU A 434 -9.18 -2.88 20.53
N LEU A 435 -9.61 -3.79 19.67
CA LEU A 435 -9.17 -5.16 19.73
C LEU A 435 -8.07 -5.42 18.72
N SER A 436 -7.40 -6.56 18.87
CA SER A 436 -6.31 -6.96 17.99
C SER A 436 -6.73 -6.85 16.52
N GLU A 437 -5.78 -6.47 15.67
CA GLU A 437 -6.02 -6.24 14.23
C GLU A 437 -6.89 -5.00 14.00
N ASN A 438 -6.93 -4.10 14.97
CA ASN A 438 -7.61 -2.82 14.82
C ASN A 438 -9.14 -2.95 14.64
N GLN A 439 -9.74 -3.90 15.37
CA GLN A 439 -11.18 -4.13 15.32
C GLN A 439 -11.88 -3.43 16.47
N LEU A 440 -13.02 -2.81 16.20
CA LEU A 440 -13.87 -2.26 17.25
C LEU A 440 -14.66 -3.37 17.93
N ALA A 441 -15.27 -3.04 19.07
CA ALA A 441 -16.03 -3.99 19.88
C ALA A 441 -17.47 -3.52 20.10
N PRO A 442 -18.24 -3.35 19.00
CA PRO A 442 -19.60 -2.85 19.14
C PRO A 442 -20.45 -3.71 20.08
N GLY A 443 -21.12 -3.07 21.04
CA GLY A 443 -22.05 -3.75 21.93
C GLY A 443 -21.41 -4.52 23.09
N GLU A 444 -20.08 -4.48 23.21
CA GLU A 444 -19.37 -5.28 24.21
C GLU A 444 -19.01 -4.50 25.47
N PHE A 445 -19.32 -3.20 25.49
CA PHE A 445 -18.95 -2.35 26.61
C PHE A 445 -19.93 -1.20 26.73
N GLN A 446 -19.87 -0.51 27.85
CA GLN A 446 -20.80 0.57 28.17
C GLN A 446 -20.10 1.60 29.02
N VAL A 447 -20.68 2.80 29.03
CA VAL A 447 -20.23 3.86 29.91
C VAL A 447 -21.34 4.14 30.93
N SER A 448 -21.00 4.14 32.20
CA SER A 448 -21.97 4.42 33.26
C SER A 448 -22.05 5.91 33.53
N THR A 449 -23.15 6.31 34.17
CA THR A 449 -23.39 7.71 34.53
C THR A 449 -22.31 8.29 35.43
N ASP A 450 -21.71 7.45 36.27
CA ASP A 450 -20.64 7.87 37.17
C ASP A 450 -19.22 7.76 36.58
N GLY A 451 -19.11 7.53 35.27
CA GLY A 451 -17.84 7.69 34.55
C GLY A 451 -17.01 6.43 34.38
N ARG A 452 -17.64 5.27 34.49
CA ARG A 452 -16.93 4.00 34.32
C ARG A 452 -17.11 3.44 32.91
N LEU A 453 -15.99 3.12 32.28
CA LEU A 453 -15.98 2.36 31.03
C LEU A 453 -15.78 0.89 31.39
N PHE A 454 -16.81 0.08 31.19
CA PHE A 454 -16.79 -1.30 31.67
C PHE A 454 -17.33 -2.29 30.66
N SER A 455 -16.89 -3.53 30.79
CA SER A 455 -17.32 -4.60 29.90
C SER A 455 -18.68 -5.14 30.27
N LEU A 456 -19.46 -5.51 29.26
CA LEU A 456 -20.75 -6.18 29.45
C LEU A 456 -20.59 -7.69 29.38
N LYS A 457 -19.50 -8.15 28.76
CA LYS A 457 -19.20 -9.57 28.66
C LYS A 457 -17.73 -9.76 28.29
N PRO A 458 -17.23 -11.01 28.29
CA PRO A 458 -15.87 -11.23 27.81
C PRO A 458 -15.65 -10.68 26.40
N THR A 459 -14.47 -10.13 26.15
CA THR A 459 -14.16 -9.51 24.85
C THR A 459 -14.10 -10.60 23.78
N SER A 460 -14.68 -10.28 22.62
CA SER A 460 -14.79 -11.23 21.51
C SER A 460 -13.45 -11.51 20.86
N GLY A 461 -12.47 -10.62 21.08
CA GLY A 461 -11.11 -10.83 20.63
C GLY A 461 -10.14 -10.24 21.62
N PRO A 462 -8.83 -10.42 21.36
CA PRO A 462 -7.80 -9.88 22.27
C PRO A 462 -7.79 -8.36 22.30
N VAL A 463 -7.32 -7.80 23.41
CA VAL A 463 -7.41 -6.36 23.67
C VAL A 463 -6.09 -5.66 23.38
N LEU A 464 -6.15 -4.60 22.56
CA LEU A 464 -5.02 -3.72 22.38
C LEU A 464 -5.08 -2.58 23.39
N THR A 465 -6.26 -1.99 23.57
CA THR A 465 -6.43 -0.93 24.56
C THR A 465 -7.88 -0.71 24.98
N VAL A 466 -8.02 -0.24 26.23
CA VAL A 466 -9.25 0.34 26.75
C VAL A 466 -8.80 1.66 27.31
N THR A 467 -9.37 2.77 26.83
CA THR A 467 -8.83 4.08 27.14
C THR A 467 -9.93 5.13 27.31
N LEU A 468 -9.70 6.05 28.23
CA LEU A 468 -10.53 7.24 28.39
C LEU A 468 -9.67 8.42 27.99
N PHE A 469 -9.99 9.00 26.85
CA PHE A 469 -9.16 10.03 26.22
C PHE A 469 -9.86 11.36 26.46
N GLY A 470 -9.28 12.19 27.32
CA GLY A 470 -9.91 13.44 27.74
C GLY A 470 -9.22 14.68 27.21
N ARG A 471 -10.00 15.71 26.88
CA ARG A 471 -9.46 16.96 26.37
C ARG A 471 -9.85 18.10 27.29
N LEU A 472 -8.86 18.90 27.68
CA LEU A 472 -9.10 20.13 28.45
C LEU A 472 -8.81 21.29 27.51
N TYR A 473 -9.82 21.66 26.74
CA TYR A 473 -9.65 22.63 25.65
C TYR A 473 -9.13 23.98 26.15
N GLU A 474 -9.59 24.39 27.33
CA GLU A 474 -9.17 25.67 27.92
C GLU A 474 -7.65 25.79 28.20
N LYS A 475 -6.97 24.65 28.38
CA LYS A 475 -5.53 24.65 28.65
C LYS A 475 -4.64 24.46 27.42
N ASP A 476 -5.20 24.56 26.21
CA ASP A 476 -4.42 24.36 24.97
C ASP A 476 -3.29 25.37 24.79
N GLN B 15 7.55 13.53 -1.69
CA GLN B 15 7.00 12.94 -2.97
C GLN B 15 6.44 11.52 -2.75
N ASP B 16 5.10 11.39 -2.75
CA ASP B 16 4.43 10.12 -2.45
C ASP B 16 4.29 9.15 -3.62
N THR B 17 4.28 9.66 -4.84
CA THR B 17 4.25 8.82 -6.01
C THR B 17 5.38 9.19 -6.98
N PHE B 18 5.63 8.29 -7.93
CA PHE B 18 6.52 8.58 -9.05
C PHE B 18 6.07 7.81 -10.27
N ILE B 19 6.68 8.14 -11.40
CA ILE B 19 6.39 7.52 -12.68
C ILE B 19 7.59 6.66 -13.06
N ALA B 20 7.31 5.37 -13.20
CA ALA B 20 8.31 4.38 -13.53
C ALA B 20 8.23 4.09 -15.01
N ALA B 21 9.37 3.76 -15.60
CA ALA B 21 9.44 3.36 -16.99
C ALA B 21 10.38 2.16 -17.14
N VAL B 22 9.97 1.22 -17.99
CA VAL B 22 10.84 0.12 -18.41
C VAL B 22 10.78 0.01 -19.92
N TYR B 23 11.89 -0.40 -20.51
CA TYR B 23 11.98 -0.55 -21.96
C TYR B 23 12.38 -1.97 -22.34
N GLU B 24 11.55 -2.61 -23.15
CA GLU B 24 11.90 -3.90 -23.74
C GLU B 24 12.64 -3.64 -25.06
N HIS B 25 13.86 -4.15 -25.17
CA HIS B 25 14.81 -3.76 -26.22
C HIS B 25 15.12 -4.89 -27.21
N ALA B 26 14.84 -4.66 -28.48
CA ALA B 26 15.32 -5.54 -29.56
C ALA B 26 16.78 -5.20 -29.87
N ALA B 27 17.70 -5.89 -29.22
CA ALA B 27 19.12 -5.55 -29.30
C ALA B 27 19.77 -5.81 -30.66
N ILE B 28 20.75 -4.97 -31.00
CA ILE B 28 21.64 -5.21 -32.12
C ILE B 28 22.81 -6.05 -31.63
N LEU B 29 22.89 -7.28 -32.13
CA LEU B 29 23.90 -8.23 -31.67
C LEU B 29 25.17 -8.13 -32.50
N PRO B 30 26.34 -8.23 -31.86
CA PRO B 30 27.56 -8.29 -32.66
C PRO B 30 27.58 -9.55 -33.52
N ASN B 31 28.32 -9.50 -34.62
CA ASN B 31 28.54 -10.67 -35.47
C ASN B 31 29.27 -11.77 -34.69
N ALA B 32 29.03 -13.01 -35.08
CA ALA B 32 29.69 -14.15 -34.46
C ALA B 32 31.18 -14.11 -34.80
N THR B 33 32.04 -14.31 -33.80
CA THR B 33 33.49 -14.20 -34.03
C THR B 33 34.32 -15.13 -33.17
N LEU B 34 35.39 -15.61 -33.78
CA LEU B 34 36.35 -16.48 -33.11
C LEU B 34 37.48 -15.67 -32.46
N THR B 35 37.80 -14.51 -33.03
CA THR B 35 38.84 -13.64 -32.48
C THR B 35 38.21 -12.30 -32.09
N PRO B 36 38.68 -11.73 -30.97
CA PRO B 36 38.16 -10.47 -30.44
C PRO B 36 38.22 -9.30 -31.42
N VAL B 37 37.16 -8.51 -31.47
CA VAL B 37 37.15 -7.28 -32.25
C VAL B 37 38.00 -6.23 -31.52
N SER B 38 38.27 -5.12 -32.20
CA SER B 38 38.99 -4.01 -31.60
C SER B 38 38.08 -3.21 -30.66
N ARG B 39 38.71 -2.50 -29.73
CA ARG B 39 38.01 -1.58 -28.86
C ARG B 39 37.10 -0.65 -29.67
N GLU B 40 37.63 -0.16 -30.78
CA GLU B 40 36.90 0.76 -31.65
C GLU B 40 35.64 0.13 -32.25
N GLU B 41 35.73 -1.12 -32.69
CA GLU B 41 34.57 -1.82 -33.27
C GLU B 41 33.52 -2.12 -32.19
N ALA B 42 34.00 -2.51 -31.01
CA ALA B 42 33.13 -2.79 -29.88
C ALA B 42 32.33 -1.55 -29.50
N LEU B 43 33.02 -0.41 -29.41
N LEU B 43 33.02 -0.42 -29.41
CA LEU B 43 32.39 0.86 -29.05
CA LEU B 43 32.40 0.85 -29.04
C LEU B 43 31.36 1.31 -30.08
C LEU B 43 31.37 1.31 -30.08
N ALA B 44 31.64 1.05 -31.35
CA ALA B 44 30.71 1.41 -32.43
C ALA B 44 29.41 0.60 -32.35
N LEU B 45 29.51 -0.69 -32.02
CA LEU B 45 28.33 -1.51 -31.82
C LEU B 45 27.53 -1.04 -30.60
N MET B 46 28.20 -0.89 -29.46
CA MET B 46 27.54 -0.43 -28.24
C MET B 46 26.83 0.90 -28.47
N ASN B 47 27.45 1.79 -29.24
CA ASN B 47 26.83 3.08 -29.55
C ASN B 47 25.60 2.98 -30.44
N ARG B 48 25.55 1.95 -31.28
CA ARG B 48 24.34 1.70 -32.07
C ARG B 48 23.17 1.28 -31.17
N ASN B 49 23.45 0.46 -30.15
CA ASN B 49 22.41 0.12 -29.17
C ASN B 49 22.02 1.30 -28.29
N LEU B 50 23.02 2.09 -27.86
CA LEU B 50 22.75 3.28 -27.07
C LEU B 50 21.92 4.31 -27.83
N ASP B 51 22.03 4.34 -29.16
CA ASP B 51 21.19 5.22 -29.98
C ASP B 51 19.71 4.88 -29.81
N ILE B 52 19.40 3.59 -29.76
CA ILE B 52 18.02 3.14 -29.60
C ILE B 52 17.51 3.38 -28.17
N LEU B 53 18.36 3.07 -27.18
CA LEU B 53 17.99 3.33 -25.79
C LEU B 53 17.77 4.81 -25.52
N GLU B 54 18.55 5.67 -26.18
CA GLU B 54 18.37 7.12 -26.07
C GLU B 54 16.96 7.53 -26.46
N GLY B 55 16.43 6.94 -27.53
CA GLY B 55 15.06 7.20 -27.97
C GLY B 55 14.04 6.87 -26.90
N ALA B 56 14.25 5.76 -26.21
CA ALA B 56 13.36 5.34 -25.11
C ALA B 56 13.51 6.26 -23.90
N ILE B 57 14.75 6.59 -23.56
CA ILE B 57 15.02 7.47 -22.42
C ILE B 57 14.40 8.84 -22.61
N THR B 58 14.58 9.42 -23.78
CA THR B 58 14.05 10.75 -24.07
C THR B 58 12.52 10.74 -24.07
N SER B 59 11.95 9.71 -24.69
CA SER B 59 10.49 9.60 -24.74
C SER B 59 9.89 9.49 -23.33
N ALA B 60 10.55 8.72 -22.46
CA ALA B 60 10.07 8.55 -21.08
C ALA B 60 10.16 9.85 -20.29
N ALA B 61 11.29 10.54 -20.42
CA ALA B 61 11.49 11.83 -19.76
C ALA B 61 10.48 12.85 -20.23
N ASP B 62 10.23 12.87 -21.54
CA ASP B 62 9.20 13.74 -22.12
C ASP B 62 7.81 13.49 -21.50
N GLN B 63 7.56 12.26 -21.04
CA GLN B 63 6.27 11.92 -20.43
C GLN B 63 6.33 11.99 -18.90
N GLY B 64 7.40 12.56 -18.35
CA GLY B 64 7.49 12.84 -16.92
C GLY B 64 8.04 11.70 -16.06
N ALA B 65 8.66 10.70 -16.68
CA ALA B 65 9.20 9.57 -15.91
C ALA B 65 10.33 10.04 -15.00
N HIS B 66 10.39 9.46 -13.80
CA HIS B 66 11.44 9.76 -12.84
C HIS B 66 12.60 8.77 -12.92
N ILE B 67 12.32 7.59 -13.44
CA ILE B 67 13.34 6.55 -13.56
C ILE B 67 12.99 5.62 -14.71
N ILE B 68 14.00 5.16 -15.43
CA ILE B 68 13.82 4.20 -16.52
C ILE B 68 14.82 3.07 -16.42
N VAL B 69 14.36 1.85 -16.66
CA VAL B 69 15.22 0.67 -16.65
C VAL B 69 15.36 0.09 -18.06
N THR B 70 16.58 -0.32 -18.39
CA THR B 70 16.91 -0.94 -19.67
C THR B 70 17.50 -2.32 -19.39
N PRO B 71 17.50 -3.22 -20.40
CA PRO B 71 17.75 -4.63 -20.09
C PRO B 71 19.20 -5.10 -19.88
N GLU B 72 19.31 -6.29 -19.33
CA GLU B 72 20.57 -7.01 -19.23
C GLU B 72 21.10 -7.28 -20.64
N ASP B 73 22.40 -7.08 -20.83
CA ASP B 73 23.07 -7.33 -22.11
C ASP B 73 22.52 -6.49 -23.27
N ALA B 74 21.83 -5.39 -22.97
CA ALA B 74 21.14 -4.61 -24.00
C ALA B 74 22.10 -3.89 -24.95
N ILE B 75 23.34 -3.68 -24.50
N ILE B 75 23.33 -3.69 -24.49
CA ILE B 75 24.32 -2.87 -25.21
CA ILE B 75 24.31 -2.88 -25.20
C ILE B 75 25.33 -3.70 -26.01
C ILE B 75 25.32 -3.70 -26.02
N TYR B 76 25.54 -4.96 -25.64
CA TYR B 76 26.45 -5.84 -26.38
C TYR B 76 26.05 -7.32 -26.56
N GLY B 77 24.87 -7.73 -26.09
CA GLY B 77 24.40 -9.10 -26.28
C GLY B 77 25.01 -10.12 -25.34
N TRP B 78 24.87 -11.39 -25.70
CA TRP B 78 25.18 -12.50 -24.79
C TRP B 78 26.08 -13.61 -25.38
N ASN B 79 26.60 -13.41 -26.59
CA ASN B 79 27.49 -14.40 -27.23
C ASN B 79 28.95 -14.01 -27.07
N PHE B 80 29.60 -14.52 -26.03
CA PHE B 80 30.97 -14.15 -25.72
C PHE B 80 31.74 -15.28 -25.04
N ASN B 81 33.07 -15.25 -25.19
CA ASN B 81 33.97 -15.90 -24.24
C ASN B 81 34.75 -14.78 -23.54
N ARG B 82 35.61 -15.14 -22.59
CA ARG B 82 36.34 -14.12 -21.82
C ARG B 82 37.05 -13.10 -22.72
N ASP B 83 37.72 -13.57 -23.77
CA ASP B 83 38.54 -12.70 -24.60
C ASP B 83 37.73 -11.88 -25.60
N SER B 84 36.68 -12.46 -26.19
CA SER B 84 35.83 -11.72 -27.13
C SER B 84 35.01 -10.64 -26.42
N LEU B 85 34.73 -10.83 -25.13
CA LEU B 85 34.06 -9.81 -24.33
C LEU B 85 34.98 -8.62 -24.00
N TYR B 86 36.26 -8.89 -23.77
CA TYR B 86 37.20 -7.88 -23.24
C TYR B 86 37.10 -6.46 -23.83
N PRO B 87 37.11 -6.31 -25.17
CA PRO B 87 37.10 -4.96 -25.74
C PRO B 87 35.83 -4.15 -25.46
N TYR B 88 34.77 -4.80 -24.98
CA TYR B 88 33.53 -4.11 -24.65
C TYR B 88 33.55 -3.56 -23.21
N LEU B 89 34.52 -3.99 -22.43
CA LEU B 89 34.57 -3.67 -21.00
C LEU B 89 35.16 -2.30 -20.71
N GLU B 90 34.75 -1.73 -19.57
CA GLU B 90 35.35 -0.52 -18.99
C GLU B 90 35.58 -0.75 -17.51
N ASP B 91 36.47 0.03 -16.92
CA ASP B 91 36.73 -0.02 -15.48
C ASP B 91 35.73 0.93 -14.85
N ILE B 92 34.79 0.37 -14.10
CA ILE B 92 33.71 1.13 -13.51
C ILE B 92 34.05 1.33 -12.05
N PRO B 93 34.22 2.59 -11.63
CA PRO B 93 34.60 2.82 -10.24
C PRO B 93 33.45 2.61 -9.26
N ASP B 94 33.80 2.51 -7.98
CA ASP B 94 32.84 2.48 -6.88
C ASP B 94 32.17 3.84 -6.82
N PRO B 95 30.83 3.88 -6.72
CA PRO B 95 30.13 5.17 -6.66
C PRO B 95 30.56 6.10 -5.51
N GLU B 96 31.24 5.55 -4.50
CA GLU B 96 31.80 6.34 -3.39
C GLU B 96 32.73 7.46 -3.85
N VAL B 97 33.31 7.31 -5.04
CA VAL B 97 34.24 8.31 -5.57
C VAL B 97 33.57 9.64 -5.91
N ASN B 98 32.23 9.65 -5.99
CA ASN B 98 31.47 10.87 -6.24
C ASN B 98 31.83 11.49 -7.61
N TRP B 99 31.31 10.88 -8.67
CA TRP B 99 31.71 11.19 -10.04
C TRP B 99 30.51 11.33 -10.98
N ILE B 100 30.48 12.43 -11.72
CA ILE B 100 29.54 12.64 -12.82
C ILE B 100 30.33 12.62 -14.13
N PRO B 101 30.33 11.47 -14.83
CA PRO B 101 31.10 11.34 -16.07
C PRO B 101 30.83 12.44 -17.11
N CYS B 102 29.59 12.87 -17.25
CA CYS B 102 29.27 13.91 -18.24
C CYS B 102 30.03 15.22 -17.99
N ASN B 103 30.27 15.55 -16.71
CA ASN B 103 30.90 16.81 -16.31
C ASN B 103 32.41 16.71 -16.09
N ASN B 104 32.93 15.48 -16.00
CA ASN B 104 34.34 15.25 -15.71
C ASN B 104 34.80 13.98 -16.43
N ARG B 105 34.74 14.06 -17.75
CA ARG B 105 34.89 12.90 -18.63
C ARG B 105 36.25 12.18 -18.61
N ASN B 106 37.29 12.85 -18.15
CA ASN B 106 38.64 12.28 -18.16
C ASN B 106 39.20 11.84 -16.82
N ARG B 107 38.38 11.91 -15.77
CA ARG B 107 38.84 11.54 -14.43
C ARG B 107 39.42 10.12 -14.36
N PHE B 108 38.78 9.18 -15.06
CA PHE B 108 39.29 7.80 -15.11
C PHE B 108 39.73 7.34 -16.48
N GLY B 109 40.41 8.24 -17.19
CA GLY B 109 40.89 7.95 -18.53
C GLY B 109 39.75 7.96 -19.54
N GLN B 110 39.62 6.88 -20.29
CA GLN B 110 38.62 6.79 -21.36
C GLN B 110 37.52 5.76 -21.04
N THR B 111 36.34 6.29 -20.73
CA THR B 111 35.18 5.56 -20.17
C THR B 111 33.99 6.14 -20.91
N PRO B 112 33.98 6.00 -22.25
CA PRO B 112 32.94 6.62 -23.09
C PRO B 112 31.52 6.07 -22.92
N VAL B 113 31.36 4.79 -22.56
CA VAL B 113 30.02 4.24 -22.33
C VAL B 113 29.41 4.83 -21.06
N GLN B 114 30.18 4.82 -19.97
CA GLN B 114 29.74 5.46 -18.74
C GLN B 114 29.45 6.93 -18.98
N GLU B 115 30.29 7.57 -19.79
CA GLU B 115 30.10 8.97 -20.11
C GLU B 115 28.77 9.19 -20.80
N ARG B 116 28.47 8.39 -21.81
CA ARG B 116 27.24 8.60 -22.58
C ARG B 116 25.99 8.31 -21.72
N LEU B 117 26.07 7.31 -20.85
CA LEU B 117 24.95 6.99 -19.96
C LEU B 117 24.71 8.12 -18.96
N SER B 118 25.81 8.66 -18.41
CA SER B 118 25.74 9.82 -17.53
C SER B 118 25.06 10.99 -18.21
N CYS B 119 25.49 11.31 -19.43
CA CYS B 119 24.90 12.42 -20.18
C CYS B 119 23.42 12.17 -20.51
N LEU B 120 23.05 10.93 -20.78
CA LEU B 120 21.66 10.62 -21.10
C LEU B 120 20.76 10.88 -19.89
N ALA B 121 21.25 10.48 -18.72
CA ALA B 121 20.54 10.72 -17.47
C ALA B 121 20.45 12.22 -17.17
N LYS B 122 21.60 12.91 -17.25
CA LYS B 122 21.65 14.35 -16.96
C LYS B 122 20.83 15.19 -17.92
N ASN B 123 21.02 14.98 -19.21
CA ASN B 123 20.36 15.80 -20.24
C ASN B 123 18.85 15.64 -20.28
N ASN B 124 18.36 14.50 -19.78
CA ASN B 124 16.93 14.24 -19.71
C ASN B 124 16.41 14.25 -18.26
N SER B 125 17.24 14.70 -17.33
CA SER B 125 16.99 14.61 -15.87
C SER B 125 16.07 13.45 -15.50
N ILE B 126 16.63 12.25 -15.58
CA ILE B 126 15.93 11.03 -15.27
C ILE B 126 16.97 10.04 -14.78
N TYR B 127 16.63 9.28 -13.73
CA TYR B 127 17.48 8.18 -13.29
C TYR B 127 17.51 7.14 -14.43
N VAL B 128 18.70 6.62 -14.73
CA VAL B 128 18.86 5.64 -15.80
C VAL B 128 19.54 4.40 -15.22
N VAL B 129 18.92 3.25 -15.43
CA VAL B 129 19.46 1.98 -15.00
C VAL B 129 19.85 1.19 -16.24
N ALA B 130 21.08 0.72 -16.29
CA ALA B 130 21.54 -0.02 -17.47
C ALA B 130 22.49 -1.10 -17.06
N ASN B 131 22.75 -1.99 -18.02
CA ASN B 131 23.62 -3.15 -17.79
C ASN B 131 24.75 -3.15 -18.82
N ILE B 132 25.98 -3.14 -18.33
CA ILE B 132 27.18 -3.08 -19.16
C ILE B 132 28.22 -3.99 -18.52
N GLY B 133 29.49 -3.87 -18.94
CA GLY B 133 30.56 -4.78 -18.52
C GLY B 133 31.71 -4.10 -17.81
N ASP B 134 32.11 -4.67 -16.69
CA ASP B 134 33.18 -4.13 -15.86
C ASP B 134 34.44 -4.98 -16.01
N LYS B 135 35.59 -4.32 -16.05
CA LYS B 135 36.87 -5.01 -15.90
C LYS B 135 37.63 -4.48 -14.70
N LYS B 136 38.23 -5.39 -13.94
CA LYS B 136 39.04 -5.04 -12.78
C LYS B 136 40.39 -5.75 -12.89
N PRO B 137 41.43 -5.03 -13.36
CA PRO B 137 42.79 -5.59 -13.45
C PRO B 137 43.32 -6.03 -12.08
N CYS B 138 44.03 -7.16 -12.04
CA CYS B 138 44.59 -7.68 -10.79
C CYS B 138 45.98 -8.27 -11.00
N ASP B 139 46.68 -8.51 -9.87
CA ASP B 139 48.02 -9.09 -9.87
C ASP B 139 47.99 -10.50 -9.33
N THR B 140 49.13 -11.19 -9.45
CA THR B 140 49.29 -12.51 -8.86
C THR B 140 49.29 -12.46 -7.32
N SER B 141 49.62 -11.30 -6.76
CA SER B 141 49.51 -11.06 -5.31
C SER B 141 48.08 -11.28 -4.80
N ASP B 142 47.10 -11.03 -5.66
CA ASP B 142 45.71 -11.42 -5.42
C ASP B 142 45.59 -12.91 -5.76
N PRO B 143 45.36 -13.78 -4.75
CA PRO B 143 45.29 -15.22 -5.04
C PRO B 143 44.07 -15.63 -5.88
N GLN B 144 43.06 -14.77 -5.91
CA GLN B 144 41.83 -15.02 -6.65
C GLN B 144 41.92 -14.57 -8.11
N CYS B 145 42.90 -13.72 -8.43
CA CYS B 145 43.04 -13.15 -9.77
C CYS B 145 43.06 -14.25 -10.82
N PRO B 146 42.18 -14.16 -11.84
CA PRO B 146 42.21 -15.18 -12.89
C PRO B 146 43.54 -15.18 -13.67
N PRO B 147 43.90 -16.34 -14.25
CA PRO B 147 45.17 -16.47 -14.98
C PRO B 147 45.42 -15.36 -15.99
N ASP B 148 44.36 -14.89 -16.65
CA ASP B 148 44.50 -13.89 -17.71
C ASP B 148 44.53 -12.42 -17.23
N GLY B 149 44.60 -12.20 -15.92
CA GLY B 149 44.97 -10.89 -15.36
C GLY B 149 43.89 -9.88 -15.00
N ARG B 150 42.62 -10.28 -15.07
CA ARG B 150 41.52 -9.38 -14.69
C ARG B 150 40.24 -10.11 -14.36
N TYR B 151 39.41 -9.49 -13.52
CA TYR B 151 38.04 -9.92 -13.33
C TYR B 151 37.16 -9.26 -14.38
N GLN B 152 36.15 -9.99 -14.85
CA GLN B 152 35.15 -9.44 -15.77
C GLN B 152 33.76 -9.68 -15.20
N TYR B 153 32.97 -8.62 -15.06
CA TYR B 153 31.67 -8.71 -14.39
C TYR B 153 30.49 -8.20 -15.22
N ASN B 154 29.37 -8.93 -15.13
CA ASN B 154 28.07 -8.48 -15.62
C ASN B 154 27.57 -7.41 -14.66
N THR B 155 27.34 -6.19 -15.14
CA THR B 155 27.28 -5.03 -14.22
C THR B 155 26.13 -4.07 -14.48
N ASP B 156 25.26 -3.91 -13.49
CA ASP B 156 24.23 -2.88 -13.53
C ASP B 156 24.85 -1.58 -13.04
N VAL B 157 24.55 -0.49 -13.73
CA VAL B 157 24.95 0.83 -13.27
C VAL B 157 23.71 1.72 -13.25
N VAL B 158 23.67 2.63 -12.29
CA VAL B 158 22.58 3.57 -12.15
C VAL B 158 23.14 4.99 -12.12
N PHE B 159 22.57 5.85 -12.94
CA PHE B 159 22.94 7.24 -12.97
C PHE B 159 21.72 8.06 -12.54
N ASP B 160 21.92 9.02 -11.63
CA ASP B 160 20.81 9.83 -11.17
C ASP B 160 20.51 10.95 -12.17
N SER B 161 19.49 11.76 -11.88
CA SER B 161 19.03 12.80 -12.80
C SER B 161 20.02 13.96 -13.02
N GLN B 162 21.11 14.01 -12.26
CA GLN B 162 22.24 14.94 -12.51
C GLN B 162 23.36 14.28 -13.33
N GLY B 163 23.24 12.97 -13.57
CA GLY B 163 24.26 12.21 -14.29
C GLY B 163 25.29 11.56 -13.39
N LYS B 164 25.09 11.63 -12.09
CA LYS B 164 26.04 11.05 -11.16
C LYS B 164 25.88 9.53 -11.06
N LEU B 165 27.01 8.83 -10.98
CA LEU B 165 27.00 7.40 -10.75
C LEU B 165 26.62 7.12 -9.30
N VAL B 166 25.48 6.46 -9.10
CA VAL B 166 24.98 6.21 -7.73
C VAL B 166 24.90 4.74 -7.35
N ALA B 167 25.06 3.83 -8.32
CA ALA B 167 25.08 2.41 -8.01
C ALA B 167 25.83 1.59 -9.05
N ARG B 168 26.51 0.55 -8.57
CA ARG B 168 27.21 -0.41 -9.41
C ARG B 168 27.00 -1.79 -8.80
N TYR B 169 26.43 -2.72 -9.56
CA TYR B 169 26.17 -4.08 -9.05
C TYR B 169 26.69 -5.16 -9.99
N HIS B 170 27.59 -6.00 -9.47
CA HIS B 170 28.12 -7.15 -10.20
C HIS B 170 27.23 -8.37 -9.98
N LYS B 171 26.73 -8.96 -11.07
CA LYS B 171 25.82 -10.09 -11.01
C LYS B 171 26.39 -11.27 -10.22
N GLN B 172 25.64 -11.74 -9.23
CA GLN B 172 26.10 -12.79 -8.33
C GLN B 172 25.84 -14.19 -8.88
N ASN B 173 24.64 -14.39 -9.44
CA ASN B 173 24.22 -15.73 -9.84
C ASN B 173 24.23 -15.85 -11.35
N LEU B 174 25.36 -16.30 -11.88
CA LEU B 174 25.54 -16.44 -13.32
C LEU B 174 24.78 -17.65 -13.81
N PHE B 175 24.19 -17.50 -15.00
CA PHE B 175 23.46 -18.59 -15.62
C PHE B 175 24.44 -19.44 -16.43
N MET B 176 24.14 -20.72 -16.51
CA MET B 176 24.84 -21.64 -17.40
C MET B 176 25.12 -20.99 -18.76
N GLY B 177 26.37 -21.04 -19.22
CA GLY B 177 26.75 -20.40 -20.48
C GLY B 177 27.34 -19.01 -20.34
N GLU B 178 27.29 -18.41 -19.15
CA GLU B 178 27.91 -17.09 -18.92
C GLU B 178 29.38 -17.25 -18.49
N ASN B 179 30.12 -18.04 -19.26
CA ASN B 179 31.55 -18.29 -19.06
C ASN B 179 32.45 -17.05 -19.22
N GLN B 180 31.92 -16.01 -19.85
CA GLN B 180 32.68 -14.77 -20.05
C GLN B 180 32.82 -13.91 -18.78
N PHE B 181 32.03 -14.19 -17.75
CA PHE B 181 32.04 -13.38 -16.51
C PHE B 181 32.57 -14.14 -15.32
N ASN B 182 33.01 -13.39 -14.31
CA ASN B 182 33.34 -13.94 -13.01
C ASN B 182 32.23 -13.74 -12.00
N VAL B 183 32.26 -14.57 -10.96
CA VAL B 183 31.42 -14.45 -9.79
C VAL B 183 32.16 -13.58 -8.77
N PRO B 184 31.49 -12.55 -8.21
CA PRO B 184 32.14 -11.75 -7.18
C PRO B 184 32.50 -12.55 -5.93
N LYS B 185 33.50 -12.05 -5.20
CA LYS B 185 34.03 -12.71 -4.00
C LYS B 185 32.93 -12.95 -2.97
N GLU B 186 32.15 -11.89 -2.71
CA GLU B 186 31.03 -11.92 -1.79
C GLU B 186 29.82 -11.30 -2.50
N PRO B 187 28.60 -11.73 -2.14
CA PRO B 187 27.43 -11.08 -2.71
C PRO B 187 27.38 -9.58 -2.42
N GLU B 188 27.14 -8.79 -3.47
CA GLU B 188 27.11 -7.34 -3.36
C GLU B 188 25.68 -6.87 -3.11
N ILE B 189 25.47 -6.24 -1.96
CA ILE B 189 24.16 -5.73 -1.57
C ILE B 189 24.13 -4.25 -1.92
N VAL B 190 23.45 -3.90 -3.02
CA VAL B 190 23.52 -2.56 -3.57
C VAL B 190 22.17 -1.87 -3.57
N THR B 191 22.14 -0.69 -2.97
CA THR B 191 20.96 0.14 -2.89
C THR B 191 21.32 1.58 -3.27
N PHE B 192 20.29 2.34 -3.65
CA PHE B 192 20.42 3.80 -3.79
C PHE B 192 19.12 4.45 -3.34
N ASN B 193 19.25 5.58 -2.64
N ASN B 193 19.25 5.58 -2.65
CA ASN B 193 18.09 6.30 -2.09
CA ASN B 193 18.11 6.29 -2.10
C ASN B 193 17.75 7.50 -2.96
C ASN B 193 17.74 7.50 -2.95
N THR B 194 16.45 7.77 -3.07
CA THR B 194 15.93 8.87 -3.89
C THR B 194 14.87 9.63 -3.11
N THR B 195 14.30 10.68 -3.71
CA THR B 195 13.13 11.35 -3.15
C THR B 195 11.83 10.57 -3.38
N PHE B 196 11.89 9.49 -4.15
CA PHE B 196 10.72 8.67 -4.42
C PHE B 196 10.99 7.22 -4.04
N GLY B 197 11.67 7.05 -2.91
CA GLY B 197 11.87 5.75 -2.28
C GLY B 197 13.29 5.21 -2.30
N SER B 198 13.48 4.16 -1.51
CA SER B 198 14.73 3.42 -1.44
C SER B 198 14.71 2.26 -2.44
N PHE B 199 15.75 2.16 -3.25
CA PHE B 199 15.81 1.19 -4.34
C PHE B 199 16.88 0.13 -4.10
N GLY B 200 16.55 -1.12 -4.42
CA GLY B 200 17.52 -2.21 -4.50
C GLY B 200 17.70 -2.63 -5.96
N ILE B 201 18.76 -3.38 -6.23
CA ILE B 201 19.05 -3.80 -7.61
C ILE B 201 19.63 -5.22 -7.69
N PHE B 202 19.17 -5.98 -8.68
CA PHE B 202 19.79 -7.26 -9.03
C PHE B 202 19.42 -7.64 -10.46
N THR B 203 19.88 -8.80 -10.94
CA THR B 203 19.90 -9.09 -12.37
C THR B 203 19.43 -10.50 -12.71
N CYS B 204 18.44 -10.57 -13.60
CA CYS B 204 17.93 -11.81 -14.17
C CYS B 204 17.88 -13.01 -13.19
N PHE B 205 18.76 -13.99 -13.40
CA PHE B 205 18.80 -15.23 -12.62
C PHE B 205 18.88 -15.03 -11.10
N ASP B 206 19.42 -13.88 -10.66
CA ASP B 206 19.45 -13.54 -9.22
C ASP B 206 18.10 -13.75 -8.54
N ILE B 207 17.01 -13.49 -9.28
CA ILE B 207 15.67 -13.53 -8.69
C ILE B 207 15.30 -14.90 -8.10
N LEU B 208 15.99 -15.96 -8.52
CA LEU B 208 15.74 -17.30 -7.97
C LEU B 208 16.57 -17.64 -6.73
N PHE B 209 17.40 -16.71 -6.26
CA PHE B 209 18.32 -17.01 -5.15
C PHE B 209 18.20 -16.02 -3.99
N HIS B 210 18.79 -16.39 -2.86
CA HIS B 210 18.70 -15.61 -1.62
C HIS B 210 19.55 -14.34 -1.66
N ASP B 211 20.77 -14.46 -2.18
CA ASP B 211 21.73 -13.36 -2.16
C ASP B 211 21.97 -12.80 -3.55
N PRO B 212 21.77 -11.49 -3.74
CA PRO B 212 21.35 -10.45 -2.80
C PRO B 212 19.83 -10.24 -2.67
N ALA B 213 19.03 -10.91 -3.49
CA ALA B 213 17.62 -10.52 -3.67
C ALA B 213 16.80 -10.45 -2.37
N VAL B 214 16.84 -11.51 -1.57
CA VAL B 214 16.03 -11.58 -0.36
C VAL B 214 16.58 -10.62 0.71
N THR B 215 17.89 -10.52 0.81
CA THR B 215 18.54 -9.65 1.78
C THR B 215 18.15 -8.17 1.58
N LEU B 216 18.07 -7.75 0.32
CA LEU B 216 17.67 -6.37 0.00
C LEU B 216 16.32 -6.01 0.59
N VAL B 217 15.40 -6.96 0.58
CA VAL B 217 14.07 -6.74 1.14
C VAL B 217 14.10 -6.88 2.67
N LYS B 218 14.67 -7.96 3.16
CA LYS B 218 14.55 -8.30 4.58
C LYS B 218 15.44 -7.47 5.51
N ASP B 219 16.68 -7.20 5.09
CA ASP B 219 17.61 -6.41 5.89
C ASP B 219 17.62 -4.94 5.53
N PHE B 220 17.48 -4.63 4.24
CA PHE B 220 17.63 -3.25 3.80
C PHE B 220 16.31 -2.54 3.54
N HIS B 221 15.18 -3.27 3.62
CA HIS B 221 13.84 -2.65 3.57
C HIS B 221 13.61 -1.77 2.34
N VAL B 222 14.12 -2.18 1.19
CA VAL B 222 13.91 -1.40 -0.03
C VAL B 222 12.42 -1.35 -0.41
N ASP B 223 12.05 -0.24 -1.03
CA ASP B 223 10.68 -0.04 -1.50
C ASP B 223 10.46 -0.64 -2.88
N THR B 224 11.51 -0.58 -3.71
CA THR B 224 11.41 -0.91 -5.12
C THR B 224 12.67 -1.61 -5.60
N ILE B 225 12.48 -2.58 -6.48
CA ILE B 225 13.57 -3.26 -7.15
C ILE B 225 13.58 -2.85 -8.62
N VAL B 226 14.77 -2.50 -9.12
CA VAL B 226 15.01 -2.30 -10.55
C VAL B 226 15.74 -3.54 -11.07
N PHE B 227 15.30 -4.06 -12.22
CA PHE B 227 15.61 -5.43 -12.62
C PHE B 227 15.85 -5.54 -14.12
N PRO B 228 17.09 -5.28 -14.55
CA PRO B 228 17.47 -5.58 -15.91
C PRO B 228 17.53 -7.10 -16.08
N THR B 229 16.98 -7.60 -17.18
CA THR B 229 16.96 -9.05 -17.38
C THR B 229 17.03 -9.44 -18.85
N ALA B 230 17.53 -10.64 -19.10
CA ALA B 230 17.51 -11.26 -20.43
C ALA B 230 17.02 -12.69 -20.24
N TRP B 231 15.73 -12.80 -19.95
CA TRP B 231 15.11 -14.02 -19.44
C TRP B 231 14.59 -14.87 -20.60
N MET B 232 14.85 -16.17 -20.56
CA MET B 232 14.25 -17.11 -21.52
C MET B 232 13.05 -17.80 -20.87
N ASN B 233 11.87 -17.54 -21.41
CA ASN B 233 10.61 -18.02 -20.83
C ASN B 233 10.50 -19.53 -20.82
N VAL B 234 10.19 -20.09 -19.65
CA VAL B 234 9.90 -21.52 -19.50
C VAL B 234 8.57 -21.70 -18.78
N LEU B 235 7.53 -22.06 -19.52
CA LEU B 235 6.22 -22.38 -18.94
C LEU B 235 6.28 -23.75 -18.25
N PRO B 236 5.37 -24.01 -17.30
CA PRO B 236 4.22 -23.20 -16.88
C PRO B 236 4.48 -22.18 -15.78
N HIS B 237 5.66 -22.20 -15.14
CA HIS B 237 5.89 -21.38 -13.95
C HIS B 237 6.92 -20.27 -14.07
N LEU B 238 7.73 -20.29 -15.13
CA LEU B 238 8.87 -19.39 -15.24
C LEU B 238 8.86 -18.58 -16.54
N SER B 239 7.70 -18.09 -16.91
CA SER B 239 7.59 -17.02 -17.89
C SER B 239 7.87 -15.72 -17.15
N ALA B 240 8.53 -14.77 -17.82
CA ALA B 240 9.03 -13.57 -17.17
C ALA B 240 7.96 -12.75 -16.46
N VAL B 241 6.95 -12.30 -17.20
CA VAL B 241 5.92 -11.45 -16.58
C VAL B 241 5.22 -12.16 -15.44
N GLU B 242 5.06 -13.47 -15.59
CA GLU B 242 4.42 -14.32 -14.60
C GLU B 242 5.23 -14.36 -13.29
N PHE B 243 6.48 -14.82 -13.38
CA PHE B 243 7.29 -15.03 -12.17
C PHE B 243 7.73 -13.72 -11.53
N HIS B 244 8.09 -12.74 -12.35
CA HIS B 244 8.58 -11.47 -11.83
C HIS B 244 7.50 -10.71 -11.06
N SER B 245 6.30 -10.64 -11.61
CA SER B 245 5.17 -10.01 -10.93
C SER B 245 4.81 -10.75 -9.65
N ALA B 246 4.98 -12.08 -9.65
CA ALA B 246 4.70 -12.90 -8.46
C ALA B 246 5.71 -12.67 -7.35
N TRP B 247 6.98 -12.48 -7.73
CA TRP B 247 8.05 -12.24 -6.76
C TRP B 247 7.78 -10.91 -6.05
N ALA B 248 7.42 -9.91 -6.84
CA ALA B 248 7.06 -8.62 -6.31
C ALA B 248 5.93 -8.71 -5.28
N MET B 249 4.89 -9.48 -5.60
CA MET B 249 3.74 -9.64 -4.72
C MET B 249 4.14 -10.40 -3.44
N GLY B 250 4.91 -11.46 -3.60
CA GLY B 250 5.37 -12.24 -2.48
C GLY B 250 6.32 -11.51 -1.55
N MET B 251 7.17 -10.66 -2.12
CA MET B 251 8.13 -9.88 -1.32
C MET B 251 7.62 -8.49 -0.93
N ARG B 252 6.46 -8.12 -1.46
N ARG B 252 6.47 -8.11 -1.48
CA ARG B 252 5.75 -6.84 -1.22
CA ARG B 252 5.79 -6.85 -1.18
C ARG B 252 6.61 -5.62 -1.51
C ARG B 252 6.61 -5.62 -1.51
N VAL B 253 7.12 -5.58 -2.74
CA VAL B 253 7.88 -4.44 -3.25
C VAL B 253 7.40 -4.08 -4.64
N ASN B 254 7.65 -2.82 -5.04
CA ASN B 254 7.54 -2.45 -6.44
C ASN B 254 8.66 -3.14 -7.18
N PHE B 255 8.45 -3.40 -8.47
CA PHE B 255 9.40 -4.18 -9.26
C PHE B 255 9.36 -3.71 -10.70
N LEU B 256 10.49 -3.21 -11.19
CA LEU B 256 10.61 -2.69 -12.57
C LEU B 256 11.46 -3.66 -13.40
N ALA B 257 10.79 -4.47 -14.24
CA ALA B 257 11.46 -5.49 -15.03
C ALA B 257 11.65 -5.07 -16.48
N SER B 258 12.91 -4.95 -16.90
CA SER B 258 13.26 -4.57 -18.27
C SER B 258 13.94 -5.75 -18.97
N ASN B 259 13.27 -6.30 -19.99
CA ASN B 259 13.71 -7.54 -20.63
C ASN B 259 14.18 -7.32 -22.07
N ILE B 260 15.07 -8.18 -22.52
CA ILE B 260 15.43 -8.28 -23.93
C ILE B 260 14.24 -8.75 -24.76
N HIS B 261 14.09 -8.20 -25.96
CA HIS B 261 13.12 -8.68 -26.94
C HIS B 261 13.81 -9.53 -28.00
N TYR B 262 13.67 -10.84 -27.91
CA TYR B 262 14.27 -11.76 -28.87
C TYR B 262 13.48 -13.06 -28.88
N PRO B 263 12.34 -13.09 -29.60
CA PRO B 263 11.45 -14.25 -29.66
C PRO B 263 12.15 -15.54 -30.06
N SER B 264 13.18 -15.43 -30.88
CA SER B 264 14.00 -16.58 -31.28
C SER B 264 14.49 -17.42 -30.10
N LYS B 265 14.78 -16.78 -28.95
CA LYS B 265 15.18 -17.51 -27.74
C LYS B 265 14.16 -17.38 -26.61
N LYS B 266 12.91 -17.09 -26.97
CA LYS B 266 11.82 -16.92 -26.00
C LYS B 266 12.09 -15.83 -24.96
N MET B 267 12.69 -14.73 -25.43
CA MET B 267 12.92 -13.55 -24.63
C MET B 267 11.86 -12.50 -24.94
N THR B 268 10.93 -12.31 -24.02
CA THR B 268 9.97 -11.21 -24.06
C THR B 268 9.16 -11.27 -22.77
N GLY B 269 8.94 -10.12 -22.15
CA GLY B 269 8.22 -10.08 -20.88
C GLY B 269 8.76 -9.00 -19.97
N SER B 270 8.28 -7.78 -20.17
CA SER B 270 8.70 -6.64 -19.36
C SER B 270 7.49 -6.09 -18.65
N GLY B 271 7.71 -5.42 -17.53
CA GLY B 271 6.61 -4.81 -16.82
C GLY B 271 6.97 -4.00 -15.59
N ILE B 272 5.94 -3.41 -15.01
CA ILE B 272 6.05 -2.59 -13.83
C ILE B 272 5.02 -3.15 -12.86
N TYR B 273 5.51 -3.68 -11.73
CA TYR B 273 4.67 -4.45 -10.83
C TYR B 273 4.69 -3.83 -9.44
N ALA B 274 3.53 -3.79 -8.81
CA ALA B 274 3.35 -3.29 -7.45
C ALA B 274 3.03 -4.46 -6.54
N PRO B 275 3.04 -4.25 -5.21
CA PRO B 275 2.73 -5.35 -4.30
C PRO B 275 1.36 -6.03 -4.51
N ASN B 276 0.32 -5.27 -4.83
CA ASN B 276 -1.03 -5.85 -4.94
C ASN B 276 -1.37 -6.32 -6.34
N SER B 277 -0.57 -5.94 -7.32
CA SER B 277 -0.97 -6.11 -8.69
C SER B 277 0.10 -5.62 -9.67
N SER B 278 0.10 -6.25 -10.84
CA SER B 278 0.78 -5.71 -12.01
C SER B 278 0.16 -4.36 -12.37
N ARG B 279 0.99 -3.41 -12.82
CA ARG B 279 0.50 -2.10 -13.31
C ARG B 279 0.61 -1.95 -14.81
N ALA B 280 1.63 -2.55 -15.39
CA ALA B 280 1.77 -2.65 -16.83
C ALA B 280 2.61 -3.87 -17.13
N PHE B 281 2.31 -4.54 -18.25
CA PHE B 281 3.14 -5.65 -18.68
C PHE B 281 3.11 -5.69 -20.19
N HIS B 282 4.12 -6.33 -20.77
CA HIS B 282 4.22 -6.49 -22.21
C HIS B 282 4.79 -7.85 -22.54
N TYR B 283 4.13 -8.55 -23.46
CA TYR B 283 4.55 -9.87 -23.93
C TYR B 283 4.28 -9.92 -25.43
N ASP B 284 5.31 -10.24 -26.21
CA ASP B 284 5.15 -10.25 -27.66
C ASP B 284 6.14 -11.22 -28.31
N MET B 285 5.61 -12.34 -28.79
CA MET B 285 6.40 -13.32 -29.55
C MET B 285 6.26 -13.14 -31.06
N LYS B 286 5.48 -12.15 -31.50
CA LYS B 286 5.08 -12.05 -32.92
C LYS B 286 5.81 -10.99 -33.75
N THR B 287 6.34 -9.95 -33.12
CA THR B 287 7.06 -8.89 -33.83
C THR B 287 8.49 -8.81 -33.33
N GLU B 288 9.31 -7.99 -33.99
CA GLU B 288 10.67 -7.70 -33.51
C GLU B 288 10.75 -6.30 -32.91
N GLU B 289 9.61 -5.75 -32.51
CA GLU B 289 9.55 -4.39 -31.99
C GLU B 289 9.94 -4.33 -30.51
N GLY B 290 10.60 -3.24 -30.14
CA GLY B 290 10.80 -2.89 -28.74
C GLY B 290 9.53 -2.27 -28.17
N LYS B 291 9.54 -1.99 -26.87
CA LYS B 291 8.36 -1.43 -26.21
C LYS B 291 8.71 -0.66 -24.95
N LEU B 292 8.19 0.56 -24.86
CA LEU B 292 8.32 1.39 -23.67
C LEU B 292 7.01 1.34 -22.88
N LEU B 293 7.13 1.04 -21.58
CA LEU B 293 5.98 1.03 -20.67
C LEU B 293 6.18 2.06 -19.58
N LEU B 294 5.12 2.78 -19.24
CA LEU B 294 5.12 3.71 -18.10
C LEU B 294 3.96 3.43 -17.17
N SER B 295 4.16 3.74 -15.88
CA SER B 295 3.08 3.66 -14.93
C SER B 295 3.45 4.38 -13.63
N GLN B 296 2.43 4.93 -12.98
CA GLN B 296 2.60 5.51 -11.65
C GLN B 296 2.79 4.39 -10.61
N LEU B 297 3.58 4.69 -9.57
CA LEU B 297 3.78 3.79 -8.44
C LEU B 297 3.86 4.61 -7.17
N ASP B 298 3.64 3.96 -6.03
CA ASP B 298 3.80 4.62 -4.74
C ASP B 298 5.25 4.53 -4.33
N SER B 299 5.78 5.65 -3.84
CA SER B 299 7.16 5.71 -3.37
C SER B 299 7.42 4.75 -2.23
N HIS B 300 6.47 4.67 -1.29
CA HIS B 300 6.64 3.82 -0.10
C HIS B 300 5.43 2.92 0.13
N PRO B 301 5.31 1.82 -0.64
CA PRO B 301 4.22 0.90 -0.38
C PRO B 301 4.38 0.31 1.03
N SER B 302 3.26 -0.04 1.65
CA SER B 302 3.32 -0.72 2.95
C SER B 302 3.99 -2.07 2.75
N HIS B 303 4.93 -2.40 3.63
CA HIS B 303 5.65 -3.67 3.58
C HIS B 303 5.22 -4.62 4.70
N SER B 304 4.15 -4.28 5.42
CA SER B 304 3.79 -4.95 6.68
C SER B 304 2.69 -6.04 6.57
N ALA B 305 2.12 -6.25 5.38
CA ALA B 305 1.05 -7.24 5.21
C ALA B 305 1.63 -8.65 5.09
N VAL B 306 2.17 -9.14 6.19
CA VAL B 306 2.86 -10.43 6.19
C VAL B 306 1.86 -11.58 6.06
N VAL B 307 2.19 -12.54 5.20
CA VAL B 307 1.36 -13.73 4.95
C VAL B 307 1.98 -14.95 5.63
N ASN B 308 1.15 -15.74 6.33
CA ASN B 308 1.57 -17.04 6.83
C ASN B 308 1.06 -18.09 5.85
N TRP B 309 1.98 -18.63 5.05
CA TRP B 309 1.63 -19.46 3.91
C TRP B 309 1.12 -20.86 4.30
N THR B 310 1.41 -21.34 5.51
CA THR B 310 0.90 -22.64 5.96
C THR B 310 -0.33 -22.57 6.89
N SER B 311 -0.84 -21.38 7.16
CA SER B 311 -1.84 -21.18 8.22
C SER B 311 -3.19 -21.86 7.95
N TYR B 312 -3.88 -21.44 6.90
CA TYR B 312 -5.15 -22.08 6.53
C TYR B 312 -4.96 -23.53 6.13
N ALA B 313 -3.89 -23.81 5.38
CA ALA B 313 -3.65 -25.14 4.83
C ALA B 313 -3.45 -26.20 5.91
N SER B 314 -2.75 -25.83 6.99
CA SER B 314 -2.53 -26.72 8.12
C SER B 314 -3.73 -26.86 9.06
N SER B 315 -4.77 -26.05 8.86
CA SER B 315 -5.90 -26.01 9.76
C SER B 315 -7.06 -26.92 9.33
N ILE B 316 -7.03 -27.39 8.09
CA ILE B 316 -8.16 -28.17 7.56
C ILE B 316 -7.81 -29.63 7.35
N GLU B 317 -8.85 -30.44 7.16
CA GLU B 317 -8.70 -31.83 6.76
C GLU B 317 -8.70 -31.90 5.25
N ALA B 318 -8.13 -32.97 4.72
CA ALA B 318 -8.05 -33.19 3.27
C ALA B 318 -9.39 -33.00 2.60
N LEU B 319 -9.41 -32.24 1.51
CA LEU B 319 -10.65 -31.93 0.79
C LEU B 319 -11.14 -33.09 -0.06
N SER B 320 -10.26 -34.05 -0.31
CA SER B 320 -10.60 -35.26 -1.05
C SER B 320 -9.78 -36.41 -0.48
N SER B 321 -10.19 -37.63 -0.82
CA SER B 321 -9.46 -38.83 -0.38
C SER B 321 -9.72 -39.95 -1.38
N GLY B 322 -8.87 -40.97 -1.33
CA GLY B 322 -8.88 -42.00 -2.37
C GLY B 322 -8.65 -41.38 -3.73
N ASN B 323 -7.67 -40.47 -3.80
CA ASN B 323 -7.29 -39.84 -5.05
C ASN B 323 -6.76 -40.86 -6.03
N LYS B 324 -7.12 -40.72 -7.29
CA LYS B 324 -6.38 -41.36 -8.36
C LYS B 324 -5.23 -40.42 -8.76
N GLU B 325 -4.03 -40.76 -8.30
CA GLU B 325 -2.86 -39.90 -8.49
C GLU B 325 -1.94 -40.44 -9.58
N PHE B 326 -1.23 -39.53 -10.24
CA PHE B 326 -0.28 -39.89 -11.26
C PHE B 326 0.93 -38.95 -11.28
N LYS B 327 2.02 -39.43 -11.87
CA LYS B 327 3.25 -38.67 -11.98
C LYS B 327 3.28 -37.83 -13.23
N GLY B 328 3.83 -36.62 -13.10
CA GLY B 328 3.97 -35.70 -14.23
C GLY B 328 5.23 -34.88 -14.06
N THR B 329 5.81 -34.48 -15.18
CA THR B 329 7.07 -33.75 -15.19
C THR B 329 6.82 -32.27 -15.52
N VAL B 330 7.25 -31.40 -14.61
CA VAL B 330 7.22 -29.96 -14.83
C VAL B 330 8.66 -29.44 -14.77
N PHE B 331 9.17 -28.98 -15.91
CA PHE B 331 10.51 -28.40 -15.98
C PHE B 331 11.50 -29.32 -15.23
N PHE B 332 11.49 -30.60 -15.64
CA PHE B 332 12.41 -31.65 -15.15
C PHE B 332 12.14 -32.18 -13.74
N ASP B 333 11.13 -31.66 -13.06
CA ASP B 333 10.81 -32.07 -11.69
C ASP B 333 9.54 -32.95 -11.66
N GLU B 334 9.60 -34.05 -10.92
CA GLU B 334 8.49 -35.01 -10.88
C GLU B 334 7.42 -34.65 -9.85
N PHE B 335 6.32 -34.09 -10.32
CA PHE B 335 5.19 -33.71 -9.46
C PHE B 335 4.27 -34.91 -9.22
N THR B 336 3.53 -34.87 -8.11
CA THR B 336 2.39 -35.76 -7.88
C THR B 336 1.12 -35.01 -8.21
N PHE B 337 0.37 -35.52 -9.19
CA PHE B 337 -0.82 -34.85 -9.71
C PHE B 337 -2.09 -35.61 -9.39
N VAL B 338 -3.20 -34.87 -9.33
CA VAL B 338 -4.54 -35.44 -9.38
C VAL B 338 -5.35 -34.67 -10.42
N LYS B 339 -6.12 -35.38 -11.22
CA LYS B 339 -6.91 -34.78 -12.27
C LYS B 339 -8.18 -34.16 -11.70
N LEU B 340 -8.56 -32.99 -12.23
CA LEU B 340 -9.83 -32.35 -11.86
C LEU B 340 -10.95 -32.94 -12.73
N THR B 341 -11.85 -33.70 -12.12
CA THR B 341 -12.86 -34.43 -12.90
C THR B 341 -14.09 -33.59 -13.29
N GLY B 342 -14.67 -32.85 -12.35
CA GLY B 342 -15.90 -32.11 -12.63
C GLY B 342 -15.69 -30.63 -12.92
N VAL B 343 -16.76 -29.96 -13.38
CA VAL B 343 -16.78 -28.49 -13.53
C VAL B 343 -16.52 -27.77 -12.22
N ALA B 344 -16.82 -28.42 -11.11
CA ALA B 344 -16.58 -27.87 -9.78
C ALA B 344 -16.01 -28.97 -8.90
N GLY B 345 -15.30 -28.59 -7.85
CA GLY B 345 -14.67 -29.57 -6.99
C GLY B 345 -13.79 -29.01 -5.89
N ASN B 346 -13.30 -29.92 -5.07
CA ASN B 346 -12.40 -29.62 -3.96
C ASN B 346 -11.41 -30.78 -3.87
N TYR B 347 -10.12 -30.51 -4.05
CA TYR B 347 -9.11 -31.57 -4.05
C TYR B 347 -7.94 -31.25 -3.14
N THR B 348 -7.33 -32.30 -2.59
CA THR B 348 -6.08 -32.20 -1.86
C THR B 348 -5.13 -33.23 -2.44
N VAL B 349 -3.86 -32.84 -2.61
CA VAL B 349 -2.84 -33.78 -3.08
C VAL B 349 -1.52 -33.42 -2.41
N CYS B 350 -0.73 -34.44 -2.07
CA CYS B 350 0.48 -34.26 -1.27
C CYS B 350 1.69 -34.89 -1.92
N GLN B 351 2.86 -34.30 -1.70
CA GLN B 351 4.13 -34.96 -1.95
C GLN B 351 5.04 -34.62 -0.77
N LYS B 352 5.50 -35.67 -0.08
CA LYS B 352 6.35 -35.53 1.10
C LYS B 352 5.75 -34.57 2.13
N ASP B 353 6.43 -33.46 2.41
CA ASP B 353 5.98 -32.54 3.47
C ASP B 353 4.93 -31.55 2.99
N LEU B 354 4.65 -31.50 1.69
CA LEU B 354 3.75 -30.50 1.13
C LEU B 354 2.42 -31.10 0.72
N CYS B 355 1.33 -30.62 1.34
CA CYS B 355 -0.03 -30.91 0.87
C CYS B 355 -0.63 -29.64 0.27
N CYS B 356 -1.27 -29.80 -0.89
CA CYS B 356 -1.84 -28.70 -1.65
C CYS B 356 -3.34 -28.84 -1.74
N HIS B 357 -4.08 -27.76 -1.46
CA HIS B 357 -5.54 -27.75 -1.48
C HIS B 357 -6.09 -26.80 -2.55
N LEU B 358 -7.08 -27.26 -3.32
CA LEU B 358 -7.74 -26.43 -4.31
C LEU B 358 -9.25 -26.56 -4.25
N SER B 359 -9.94 -25.42 -4.21
CA SER B 359 -11.38 -25.36 -4.45
C SER B 359 -11.59 -24.54 -5.71
N TYR B 360 -12.48 -24.99 -6.58
CA TYR B 360 -12.66 -24.34 -7.87
C TYR B 360 -14.05 -24.49 -8.45
N LYS B 361 -14.34 -23.64 -9.42
CA LYS B 361 -15.51 -23.80 -10.25
C LYS B 361 -15.21 -23.21 -11.62
N MET B 362 -15.24 -24.06 -12.64
CA MET B 362 -15.04 -23.64 -14.01
C MET B 362 -16.30 -22.97 -14.52
N SER B 363 -16.14 -22.07 -15.48
CA SER B 363 -17.27 -21.37 -16.10
C SER B 363 -18.02 -22.30 -17.06
N GLU B 364 -17.32 -23.33 -17.52
CA GLU B 364 -17.78 -24.19 -18.59
C GLU B 364 -16.80 -25.36 -18.67
N ASN B 365 -17.29 -26.58 -18.79
CA ASN B 365 -16.38 -27.69 -19.04
C ASN B 365 -16.11 -27.79 -20.53
N ILE B 366 -14.87 -27.51 -20.91
CA ILE B 366 -14.42 -27.72 -22.27
C ILE B 366 -14.00 -29.19 -22.34
N PRO B 367 -14.70 -30.00 -23.17
CA PRO B 367 -14.55 -31.46 -23.10
C PRO B 367 -13.14 -32.00 -23.42
N ASN B 368 -12.45 -31.38 -24.38
CA ASN B 368 -11.11 -31.82 -24.75
C ASN B 368 -9.99 -31.04 -24.03
N GLU B 369 -10.28 -30.51 -22.84
CA GLU B 369 -9.30 -29.76 -22.07
C GLU B 369 -9.24 -30.30 -20.65
N VAL B 370 -8.05 -30.70 -20.24
CA VAL B 370 -7.84 -31.32 -18.93
C VAL B 370 -6.99 -30.41 -18.03
N TYR B 371 -7.44 -30.28 -16.78
CA TYR B 371 -6.72 -29.54 -15.76
C TYR B 371 -6.34 -30.48 -14.63
N ALA B 372 -5.21 -30.20 -13.99
CA ALA B 372 -4.72 -31.01 -12.89
C ALA B 372 -4.17 -30.15 -11.77
N LEU B 373 -4.20 -30.70 -10.56
CA LEU B 373 -3.61 -30.09 -9.38
C LEU B 373 -2.38 -30.90 -9.00
N GLY B 374 -1.27 -30.22 -8.77
CA GLY B 374 0.00 -30.91 -8.51
C GLY B 374 0.80 -30.35 -7.36
N ALA B 375 1.61 -31.21 -6.76
CA ALA B 375 2.47 -30.87 -5.64
C ALA B 375 3.88 -31.35 -5.92
N PHE B 376 4.86 -30.52 -5.57
CA PHE B 376 6.27 -30.90 -5.65
C PHE B 376 7.01 -30.38 -4.41
N ASP B 377 7.88 -31.22 -3.86
CA ASP B 377 8.67 -30.90 -2.69
C ASP B 377 10.03 -31.58 -2.88
N GLY B 378 10.99 -30.83 -3.43
CA GLY B 378 12.28 -31.42 -3.70
C GLY B 378 13.27 -30.46 -4.30
N LEU B 379 14.45 -31.00 -4.62
CA LEU B 379 15.57 -30.23 -5.12
C LEU B 379 15.58 -30.22 -6.64
N HIS B 380 15.53 -29.02 -7.22
CA HIS B 380 15.69 -28.86 -8.64
C HIS B 380 17.19 -28.82 -8.97
N THR B 381 17.57 -29.45 -10.07
CA THR B 381 19.00 -29.55 -10.46
C THR B 381 19.34 -29.17 -11.90
N VAL B 382 18.36 -29.14 -12.80
CA VAL B 382 18.65 -28.89 -14.22
C VAL B 382 18.70 -27.38 -14.54
N GLU B 383 19.85 -26.95 -15.10
CA GLU B 383 20.12 -25.53 -15.39
C GLU B 383 20.20 -24.70 -14.10
N GLY B 384 20.58 -25.34 -13.00
CA GLY B 384 20.66 -24.64 -11.73
C GLY B 384 20.17 -25.48 -10.57
N ARG B 385 20.65 -25.14 -9.39
CA ARG B 385 20.42 -25.92 -8.18
C ARG B 385 19.65 -25.09 -7.16
N TYR B 386 18.41 -25.50 -6.86
CA TYR B 386 17.59 -24.80 -5.87
C TYR B 386 16.42 -25.66 -5.39
N TYR B 387 16.11 -25.56 -4.10
CA TYR B 387 15.03 -26.34 -3.51
C TYR B 387 13.67 -25.67 -3.66
N LEU B 388 12.67 -26.45 -4.06
CA LEU B 388 11.34 -25.96 -4.39
C LEU B 388 10.22 -26.65 -3.63
N GLN B 389 9.19 -25.88 -3.31
CA GLN B 389 7.90 -26.41 -2.89
C GLN B 389 6.87 -25.67 -3.72
N ILE B 390 6.09 -26.40 -4.50
CA ILE B 390 5.16 -25.81 -5.45
C ILE B 390 3.80 -26.52 -5.39
N CYS B 391 2.74 -25.72 -5.25
CA CYS B 391 1.37 -26.19 -5.47
C CYS B 391 0.88 -25.54 -6.75
N THR B 392 0.38 -26.33 -7.68
CA THR B 392 -0.03 -25.78 -8.96
C THR B 392 -1.32 -26.37 -9.50
N LEU B 393 -2.22 -25.48 -9.93
CA LEU B 393 -3.32 -25.81 -10.80
C LEU B 393 -2.86 -25.43 -12.19
N LEU B 394 -2.93 -26.38 -13.13
CA LEU B 394 -2.48 -26.06 -14.48
C LEU B 394 -3.27 -26.78 -15.57
N LYS B 395 -3.28 -26.15 -16.73
CA LYS B 395 -3.84 -26.73 -17.92
C LYS B 395 -2.81 -27.70 -18.51
N CYS B 396 -3.23 -28.96 -18.68
CA CYS B 396 -2.37 -29.97 -19.28
C CYS B 396 -2.28 -29.71 -20.79
N LYS B 397 -1.11 -29.94 -21.36
CA LYS B 397 -0.88 -29.60 -22.76
C LYS B 397 -1.87 -30.30 -23.68
N THR B 398 -2.03 -31.62 -23.52
CA THR B 398 -3.04 -32.39 -24.27
C THR B 398 -3.97 -33.06 -23.28
N THR B 399 -4.85 -33.93 -23.76
CA THR B 399 -5.73 -34.69 -22.87
C THR B 399 -4.99 -35.82 -22.15
N ASN B 400 -3.81 -36.16 -22.63
CA ASN B 400 -3.01 -37.23 -21.99
C ASN B 400 -2.27 -36.75 -20.75
N LEU B 401 -2.45 -37.47 -19.65
CA LEU B 401 -2.02 -37.00 -18.34
C LEU B 401 -0.49 -36.93 -18.20
N ASN B 402 0.24 -37.63 -19.05
CA ASN B 402 1.72 -37.50 -19.09
C ASN B 402 2.20 -36.13 -19.60
N THR B 403 1.30 -35.35 -20.19
CA THR B 403 1.63 -34.00 -20.66
C THR B 403 1.27 -32.92 -19.65
N CYS B 404 0.71 -33.30 -18.50
CA CYS B 404 0.41 -32.33 -17.46
C CYS B 404 1.76 -31.86 -16.93
N GLY B 405 2.03 -30.58 -17.11
CA GLY B 405 3.31 -30.00 -16.73
C GLY B 405 4.12 -29.51 -17.91
N ASP B 406 3.78 -29.98 -19.11
CA ASP B 406 4.43 -29.52 -20.34
C ASP B 406 4.01 -28.08 -20.64
N SER B 407 4.83 -27.40 -21.43
CA SER B 407 4.60 -26.03 -21.82
C SER B 407 3.30 -25.88 -22.64
N ALA B 408 2.36 -25.09 -22.13
CA ALA B 408 1.07 -24.90 -22.78
C ALA B 408 0.78 -23.40 -22.93
N GLU B 409 0.65 -22.96 -24.18
CA GLU B 409 0.58 -21.54 -24.52
C GLU B 409 -0.84 -21.00 -24.48
N THR B 410 -1.83 -21.85 -24.78
CA THR B 410 -3.22 -21.40 -24.90
C THR B 410 -4.17 -22.31 -24.16
N ALA B 411 -5.35 -21.79 -23.87
CA ALA B 411 -6.41 -22.55 -23.25
C ALA B 411 -7.75 -21.87 -23.50
N SER B 412 -8.84 -22.55 -23.18
CA SER B 412 -10.19 -22.03 -23.38
C SER B 412 -11.04 -21.99 -22.11
N THR B 413 -10.63 -22.70 -21.07
CA THR B 413 -11.44 -22.81 -19.86
C THR B 413 -11.26 -21.59 -18.96
N ARG B 414 -12.32 -20.84 -18.76
CA ARG B 414 -12.34 -19.75 -17.78
C ARG B 414 -12.79 -20.33 -16.45
N PHE B 415 -12.45 -19.66 -15.35
CA PHE B 415 -12.85 -20.10 -14.01
C PHE B 415 -13.73 -19.04 -13.37
N GLU B 416 -14.84 -19.47 -12.77
CA GLU B 416 -15.70 -18.58 -11.98
C GLU B 416 -15.05 -18.32 -10.64
N MET B 417 -14.37 -19.32 -10.10
CA MET B 417 -13.75 -19.21 -8.80
C MET B 417 -12.57 -20.16 -8.65
N PHE B 418 -11.57 -19.74 -7.90
CA PHE B 418 -10.53 -20.64 -7.45
C PHE B 418 -10.00 -20.20 -6.10
N SER B 419 -9.43 -21.14 -5.37
CA SER B 419 -8.73 -20.87 -4.13
C SER B 419 -7.68 -21.96 -3.95
N LEU B 420 -6.41 -21.55 -3.87
CA LEU B 420 -5.27 -22.47 -3.78
C LEU B 420 -4.49 -22.17 -2.52
N SER B 421 -3.98 -23.21 -1.88
CA SER B 421 -3.17 -23.06 -0.67
C SER B 421 -2.36 -24.33 -0.45
N GLY B 422 -1.36 -24.27 0.42
CA GLY B 422 -0.52 -25.43 0.72
C GLY B 422 0.24 -25.33 2.03
N THR B 423 0.69 -26.47 2.55
CA THR B 423 1.39 -26.52 3.85
C THR B 423 2.86 -26.22 3.68
N PHE B 424 3.16 -25.01 3.21
CA PHE B 424 4.53 -24.66 2.87
C PHE B 424 5.41 -24.61 4.10
N GLY B 425 6.63 -25.15 3.98
CA GLY B 425 7.64 -25.06 5.02
C GLY B 425 8.63 -23.95 4.73
N THR B 426 8.12 -22.85 4.18
CA THR B 426 8.89 -21.64 3.91
C THR B 426 7.92 -20.46 3.91
N GLN B 427 8.46 -19.28 4.18
N GLN B 427 8.43 -19.28 4.19
CA GLN B 427 7.68 -18.04 4.12
CA GLN B 427 7.63 -18.07 4.12
C GLN B 427 7.90 -17.28 2.82
C GLN B 427 7.90 -17.28 2.82
N TYR B 428 8.77 -17.82 1.96
CA TYR B 428 9.05 -17.22 0.66
C TYR B 428 8.28 -17.95 -0.44
N VAL B 429 7.06 -17.45 -0.69
CA VAL B 429 6.18 -18.04 -1.69
C VAL B 429 5.69 -16.96 -2.63
N PHE B 430 5.70 -17.27 -3.92
CA PHE B 430 5.39 -16.30 -4.96
C PHE B 430 4.13 -16.72 -5.70
N PRO B 431 3.04 -15.92 -5.57
CA PRO B 431 1.76 -16.30 -6.15
C PRO B 431 1.62 -15.93 -7.62
N GLU B 432 1.40 -16.93 -8.46
CA GLU B 432 1.37 -16.76 -9.90
C GLU B 432 -0.02 -17.00 -10.45
N VAL B 433 -0.44 -16.15 -11.37
CA VAL B 433 -1.66 -16.38 -12.15
C VAL B 433 -1.35 -16.00 -13.58
N LEU B 434 -1.55 -16.92 -14.51
CA LEU B 434 -1.27 -16.66 -15.91
C LEU B 434 -2.43 -17.12 -16.78
N LEU B 435 -2.89 -16.23 -17.64
CA LEU B 435 -3.99 -16.52 -18.53
C LEU B 435 -3.46 -16.89 -19.91
N SER B 436 -4.36 -17.44 -20.73
CA SER B 436 -4.02 -17.85 -22.09
C SER B 436 -3.32 -16.73 -22.84
N GLU B 437 -2.38 -17.10 -23.70
CA GLU B 437 -1.57 -16.15 -24.48
C GLU B 437 -0.60 -15.38 -23.58
N ASN B 438 -0.32 -15.93 -22.39
CA ASN B 438 0.68 -15.38 -21.50
C ASN B 438 0.29 -13.98 -20.95
N GLN B 439 -0.99 -13.80 -20.65
CA GLN B 439 -1.51 -12.54 -20.10
C GLN B 439 -1.62 -12.63 -18.58
N LEU B 440 -1.24 -11.56 -17.90
CA LEU B 440 -1.45 -11.46 -16.46
C LEU B 440 -2.91 -11.08 -16.17
N ALA B 441 -3.29 -11.21 -14.91
CA ALA B 441 -4.67 -10.94 -14.48
C ALA B 441 -4.71 -9.88 -13.39
N PRO B 442 -4.24 -8.65 -13.70
CA PRO B 442 -4.20 -7.61 -12.68
C PRO B 442 -5.58 -7.35 -12.06
N GLY B 443 -5.64 -7.33 -10.73
CA GLY B 443 -6.86 -6.99 -10.01
C GLY B 443 -7.89 -8.10 -9.89
N GLU B 444 -7.59 -9.28 -10.43
CA GLU B 444 -8.57 -10.37 -10.48
C GLU B 444 -8.40 -11.39 -9.36
N PHE B 445 -7.37 -11.23 -8.54
CA PHE B 445 -7.09 -12.20 -7.48
C PHE B 445 -6.39 -11.53 -6.32
N GLN B 446 -6.32 -12.25 -5.21
CA GLN B 446 -5.74 -11.72 -3.98
C GLN B 446 -5.08 -12.85 -3.20
N VAL B 447 -4.20 -12.46 -2.29
CA VAL B 447 -3.62 -13.39 -1.32
C VAL B 447 -4.08 -13.00 0.06
N SER B 448 -4.60 -13.97 0.80
CA SER B 448 -5.06 -13.74 2.17
C SER B 448 -3.92 -13.94 3.16
N THR B 449 -4.10 -13.40 4.36
CA THR B 449 -3.10 -13.47 5.42
C THR B 449 -2.79 -14.91 5.82
N ASP B 450 -3.78 -15.79 5.70
CA ASP B 450 -3.60 -17.21 6.04
C ASP B 450 -3.13 -18.09 4.86
N GLY B 451 -2.69 -17.47 3.76
CA GLY B 451 -1.95 -18.16 2.71
C GLY B 451 -2.77 -18.67 1.54
N ARG B 452 -3.96 -18.12 1.33
CA ARG B 452 -4.81 -18.53 0.21
C ARG B 452 -4.68 -17.58 -0.98
N LEU B 453 -4.41 -18.16 -2.14
CA LEU B 453 -4.46 -17.45 -3.42
C LEU B 453 -5.82 -17.70 -4.02
N PHE B 454 -6.66 -16.65 -4.07
CA PHE B 454 -8.06 -16.83 -4.47
C PHE B 454 -8.54 -15.76 -5.43
N SER B 455 -9.57 -16.11 -6.21
CA SER B 455 -10.17 -15.20 -7.18
C SER B 455 -11.13 -14.22 -6.52
N LEU B 456 -11.16 -12.99 -7.03
CA LEU B 456 -12.12 -11.98 -6.59
C LEU B 456 -13.34 -11.98 -7.49
N LYS B 457 -13.20 -12.52 -8.70
CA LYS B 457 -14.30 -12.60 -9.66
C LYS B 457 -13.94 -13.62 -10.74
N PRO B 458 -14.90 -13.95 -11.62
CA PRO B 458 -14.54 -14.80 -12.76
C PRO B 458 -13.36 -14.26 -13.56
N THR B 459 -12.49 -15.16 -14.03
CA THR B 459 -11.30 -14.76 -14.76
C THR B 459 -11.69 -14.15 -16.09
N SER B 460 -11.00 -13.06 -16.46
CA SER B 460 -11.31 -12.31 -17.67
C SER B 460 -10.94 -13.07 -18.94
N GLY B 461 -10.06 -14.06 -18.79
CA GLY B 461 -9.69 -14.95 -19.89
C GLY B 461 -9.44 -16.36 -19.37
N PRO B 462 -9.18 -17.30 -20.30
CA PRO B 462 -8.89 -18.68 -19.89
C PRO B 462 -7.59 -18.82 -19.07
N VAL B 463 -7.54 -19.85 -18.23
CA VAL B 463 -6.47 -20.02 -17.26
C VAL B 463 -5.43 -21.04 -17.73
N LEU B 464 -4.16 -20.62 -17.72
CA LEU B 464 -3.05 -21.54 -17.97
C LEU B 464 -2.59 -22.12 -16.65
N THR B 465 -2.44 -21.27 -15.63
CA THR B 465 -2.05 -21.73 -14.31
C THR B 465 -2.40 -20.76 -13.18
N VAL B 466 -2.62 -21.34 -12.02
CA VAL B 466 -2.65 -20.64 -10.74
C VAL B 466 -1.66 -21.42 -9.89
N THR B 467 -0.62 -20.77 -9.38
CA THR B 467 0.47 -21.49 -8.74
C THR B 467 1.04 -20.74 -7.54
N LEU B 468 1.43 -21.50 -6.54
CA LEU B 468 2.19 -20.99 -5.41
C LEU B 468 3.58 -21.59 -5.50
N PHE B 469 4.55 -20.74 -5.84
CA PHE B 469 5.91 -21.18 -6.15
C PHE B 469 6.78 -20.82 -4.94
N GLY B 470 7.21 -21.82 -4.20
CA GLY B 470 7.92 -21.61 -2.94
C GLY B 470 9.39 -21.99 -3.01
N ARG B 471 10.23 -21.21 -2.33
CA ARG B 471 11.67 -21.48 -2.29
C ARG B 471 12.10 -21.74 -0.85
N LEU B 472 12.82 -22.85 -0.65
CA LEU B 472 13.44 -23.16 0.65
C LEU B 472 14.92 -22.98 0.46
N TYR B 473 15.37 -21.74 0.63
CA TYR B 473 16.75 -21.35 0.31
C TYR B 473 17.79 -22.16 1.12
N GLU B 474 17.46 -22.46 2.37
CA GLU B 474 18.37 -23.21 3.25
C GLU B 474 18.68 -24.64 2.76
N LYS B 475 17.79 -25.23 1.96
CA LYS B 475 18.00 -26.58 1.43
C LYS B 475 18.61 -26.63 0.02
N ASP B 476 19.11 -25.50 -0.48
CA ASP B 476 19.73 -25.45 -1.82
C ASP B 476 20.99 -26.32 -1.95
C1 NAG C . -11.41 -5.71 41.62
C2 NAG C . -12.80 -5.12 41.81
C3 NAG C . -13.82 -6.25 41.85
C4 NAG C . -13.75 -7.08 40.57
C5 NAG C . -12.31 -7.54 40.38
C6 NAG C . -12.14 -8.27 39.05
C7 NAG C . -13.40 -3.12 43.20
C8 NAG C . -14.16 -2.44 42.10
N2 NAG C . -12.82 -4.31 43.01
O3 NAG C . -15.09 -5.70 42.07
O4 NAG C . -14.58 -8.24 40.60
O5 NAG C . -11.40 -6.45 40.43
O6 NAG C . -10.97 -9.04 39.10
O7 NAG C . -13.33 -2.54 44.29
C1 NAG C . -16.01 -8.23 40.26
C2 NAG C . -16.65 -7.09 39.41
C3 NAG C . -18.13 -7.42 39.08
C4 NAG C . -18.39 -8.87 38.69
C5 NAG C . -17.58 -9.88 39.50
C6 NAG C . -17.66 -11.27 38.86
C7 NAG C . -17.03 -4.53 39.82
C8 NAG C . -18.33 -4.27 39.11
N2 NAG C . -16.40 -5.73 39.93
O3 NAG C . -18.56 -6.66 37.98
O4 NAG C . -19.77 -9.16 38.83
O5 NAG C . -16.23 -9.45 39.57
O6 NAG C . -18.41 -12.14 39.68
O7 NAG C . -16.52 -3.56 40.39
C1 RRV D . -3.51 11.13 14.13
C2 RRV D . -2.78 12.44 13.85
C3 RRV D . -3.70 13.61 14.14
C4 RRV D . -1.57 12.48 14.78
O5 RRV D . -0.84 13.69 14.64
C6 RRV D . -2.27 12.50 12.40
C7 RRV D . -3.36 12.74 11.39
O8 RRV D . -4.22 11.91 11.07
N9 RRV D . -3.26 13.99 10.83
C10 RRV D . -4.40 14.63 10.24
C11 RRV D . -4.16 14.78 8.74
C12 RRV D . -5.41 15.34 8.09
O13 RRV D . -5.79 16.48 8.82
C15 RRV D . -5.32 15.69 6.61
C16 RRV D . -3.98 15.51 5.98
C17 RRV D . -3.03 16.50 6.07
C18 RRV D . -1.79 16.34 5.49
C19 RRV D . -1.49 15.19 4.81
C20 RRV D . -2.44 14.20 4.70
C21 RRV D . -3.68 14.36 5.28
O22 RRV D . -1.64 11.25 12.08
C1 NAG E . -27.92 13.63 -14.81
C2 NAG E . -26.59 13.26 -15.46
C3 NAG E . -26.51 13.81 -16.90
C4 NAG E . -27.86 13.94 -17.63
C5 NAG E . -29.14 13.61 -16.84
C6 NAG E . -30.10 12.70 -17.59
C7 NAG E . -24.94 12.97 -13.66
C8 NAG E . -23.71 13.48 -12.97
N2 NAG E . -25.41 13.67 -14.70
O3 NAG E . -25.67 12.98 -17.66
O4 NAG E . -27.97 15.26 -18.14
O5 NAG E . -28.86 12.96 -15.63
O6 NAG E . -30.56 13.31 -18.77
O7 NAG E . -25.47 11.94 -13.26
C1 NAG F . -19.62 15.23 39.59
C2 NAG F . -20.20 16.59 40.03
C3 NAG F . -19.35 17.26 41.12
C4 NAG F . -19.07 16.31 42.27
C5 NAG F . -18.42 15.06 41.66
C6 NAG F . -18.03 14.04 42.74
C7 NAG F . -21.34 17.57 38.09
C8 NAG F . -21.28 18.57 36.97
N2 NAG F . -20.27 17.50 38.90
O3 NAG F . -20.02 18.40 41.59
O4 NAG F . -18.24 16.92 43.23
O5 NAG F . -19.34 14.47 40.75
O6 NAG F . -19.08 13.13 42.94
O7 NAG F . -22.33 16.84 38.23
C1 NAG G . 0.58 9.68 -14.36
C2 NAG G . -0.77 9.78 -15.04
C3 NAG G . -1.28 8.43 -15.49
C4 NAG G . -0.24 7.81 -16.40
C5 NAG G . 1.12 7.81 -15.69
C6 NAG G . 2.22 7.23 -16.56
C7 NAG G . -1.98 11.73 -14.31
C8 NAG G . -2.96 12.33 -13.35
N2 NAG G . -1.71 10.45 -14.17
O3 NAG G . -2.47 8.59 -16.22
O4 NAG G . -0.63 6.51 -16.76
O5 NAG G . 1.48 9.14 -15.30
O6 NAG G . 2.35 8.00 -17.74
O7 NAG G . -1.47 12.46 -15.17
C1 PEG H . -10.68 -16.21 0.88
O1 PEG H . -10.38 -15.88 2.26
C2 PEG H . -11.67 -17.37 0.75
O2 PEG H . -11.32 -18.18 -0.37
C3 PEG H . -12.17 -19.34 -0.56
C4 PEG H . -11.70 -20.51 0.31
O4 PEG H . -11.92 -21.78 -0.31
C1 PEG I . 30.27 -18.96 -14.95
O1 PEG I . 31.59 -19.48 -15.20
C2 PEG I . 29.17 -19.81 -15.58
O2 PEG I . 28.54 -20.58 -14.55
C3 PEG I . 27.50 -21.45 -15.02
C4 PEG I . 27.28 -22.59 -14.04
O4 PEG I . 27.41 -23.85 -14.72
C1 RRV J . 13.98 -19.30 -16.65
C2 RRV J . 15.38 -19.91 -16.60
C3 RRV J . 16.09 -19.46 -15.33
C4 RRV J . 15.21 -21.42 -16.58
O5 RRV J . 16.46 -22.08 -16.44
C6 RRV J . 16.21 -19.57 -17.84
C7 RRV J . 16.61 -18.11 -17.90
O8 RRV J . 15.87 -17.25 -18.35
N9 RRV J . 17.89 -17.92 -17.45
C10 RRV J . 18.38 -16.60 -17.12
C11 RRV J . 19.36 -16.13 -18.18
C12 RRV J . 19.98 -14.81 -17.74
O13 RRV J . 20.60 -15.02 -16.48
C15 RRV J . 21.01 -14.18 -18.69
C16 RRV J . 21.36 -14.97 -19.90
C17 RRV J . 22.38 -15.91 -19.84
C18 RRV J . 22.72 -16.64 -20.96
C19 RRV J . 22.03 -16.45 -22.14
C20 RRV J . 21.02 -15.52 -22.21
C21 RRV J . 20.69 -14.79 -21.09
O22 RRV J . 15.44 -19.81 -19.01
C1 NAG K . 1.88 -19.94 10.89
C2 NAG K . 2.78 -19.61 12.09
C3 NAG K . 3.24 -20.88 12.79
C4 NAG K . 2.05 -21.77 13.13
C5 NAG K . 1.13 -22.00 11.93
C6 NAG K . -0.19 -22.58 12.44
C7 NAG K . 3.99 -17.47 11.92
C8 NAG K . 5.26 -16.77 11.50
N2 NAG K . 3.93 -18.80 11.73
O3 NAG K . 3.89 -20.52 13.98
O4 NAG K . 2.53 -23.01 13.63
O5 NAG K . 0.81 -20.78 11.25
O6 NAG K . -0.99 -23.01 11.36
O7 NAG K . 3.07 -16.81 12.41
C1 NAG L . -16.47 -27.64 -2.33
C2 NAG L . -17.91 -27.80 -2.81
C3 NAG L . -18.66 -26.49 -2.66
C4 NAG L . -18.67 -26.11 -1.20
C5 NAG L . -17.23 -26.01 -0.67
C6 NAG L . -17.24 -25.86 0.84
C7 NAG L . -18.24 -29.59 -4.50
C8 NAG L . -18.42 -30.66 -3.45
N2 NAG L . -18.01 -28.31 -4.17
O3 NAG L . -19.98 -26.64 -3.13
O4 NAG L . -19.35 -24.89 -1.02
O5 NAG L . -16.47 -27.17 -0.99
O6 NAG L . -15.92 -25.99 1.35
O7 NAG L . -18.31 -29.91 -5.67
C1 NAG M . 22.69 14.88 -24.02
C2 NAG M . 22.28 15.69 -25.24
C3 NAG M . 22.34 14.95 -26.58
C4 NAG M . 23.26 13.72 -26.63
C5 NAG M . 23.41 13.02 -25.28
C6 NAG M . 24.51 11.95 -25.31
C7 NAG M . 20.58 17.47 -24.96
C8 NAG M . 19.12 17.80 -24.76
N2 NAG M . 20.91 16.18 -25.06
O3 NAG M . 22.74 15.86 -27.59
O4 NAG M . 22.75 12.81 -27.56
O5 NAG M . 23.75 13.98 -24.31
O6 NAG M . 24.07 10.82 -26.05
O7 NAG M . 21.41 18.39 -25.03
#